data_3FUV
#
_entry.id   3FUV
#
_cell.length_a   85.111
_cell.length_b   85.111
_cell.length_c   215.867
_cell.angle_alpha   90.000
_cell.angle_beta   90.000
_cell.angle_gamma   90.000
#
_symmetry.space_group_name_H-M   'P 43 21 2'
#
loop_
_entity.id
_entity.type
_entity.pdbx_description
1 polymer 'Dimethyladenosine transferase'
2 water water
#
_entity_poly.entity_id   1
_entity_poly.type   'polypeptide(L)'
_entity_poly.pdbx_seq_one_letter_code
;MSKLASPQSVRALLERHGLFADKRFGQNFLVSEAHLRRIVEAARPFTGPVFEVGPGLGALTRALLEAGAEVTAIEKDLRL
RPVLEETLSGLPVRLVFQDALLYPWEEVPQGSLLVANLPYHIATPLVTRLLKTGRFARLVFLVQKEVAERMTARPKTPAY
GVLTLRVAHHAVAERLFDLPPGAFFPPPKVWSSLVRLTPTGALDDPGLFRLVEAAFGKRRKTLLNALAAAGYPKARVEEA
LRALGLPPRVRAEELDLEAFRRLREGLEGAV
;
_entity_poly.pdbx_strand_id   A,B,C
#
# COMPACT_ATOMS: atom_id res chain seq x y z
N SER A 6 -11.93 3.38 -28.51
CA SER A 6 -11.22 2.41 -27.60
C SER A 6 -12.10 1.46 -26.77
N PRO A 7 -13.07 1.97 -25.98
CA PRO A 7 -14.11 0.99 -25.58
C PRO A 7 -14.90 0.42 -26.78
N GLN A 8 -14.91 1.14 -27.90
CA GLN A 8 -15.60 0.62 -29.09
C GLN A 8 -14.68 -0.37 -29.79
N SER A 9 -13.41 -0.03 -29.82
CA SER A 9 -12.39 -0.91 -30.35
C SER A 9 -12.43 -2.26 -29.61
N VAL A 10 -12.50 -2.22 -28.27
CA VAL A 10 -12.70 -3.43 -27.44
C VAL A 10 -13.94 -4.20 -27.93
N ARG A 11 -15.04 -3.46 -28.04
CA ARG A 11 -16.31 -4.08 -28.43
C ARG A 11 -16.27 -4.66 -29.82
N ALA A 12 -15.65 -3.97 -30.76
CA ALA A 12 -15.48 -4.48 -32.11
C ALA A 12 -14.62 -5.75 -32.19
N LEU A 13 -13.54 -5.75 -31.40
CA LEU A 13 -12.60 -6.88 -31.38
C LEU A 13 -13.40 -8.12 -30.99
N LEU A 14 -14.13 -8.01 -29.88
CA LEU A 14 -14.96 -9.05 -29.35
C LEU A 14 -15.91 -9.52 -30.41
N GLU A 15 -16.71 -8.57 -30.92
CA GLU A 15 -17.70 -8.90 -31.92
C GLU A 15 -17.11 -9.51 -33.18
N ARG A 16 -15.88 -9.13 -33.56
CA ARG A 16 -15.16 -9.73 -34.70
C ARG A 16 -14.93 -11.23 -34.52
N HIS A 17 -14.66 -11.64 -33.28
CA HIS A 17 -14.21 -13.01 -32.99
C HIS A 17 -15.32 -13.86 -32.37
N GLY A 18 -16.39 -13.19 -31.92
CA GLY A 18 -17.66 -13.85 -31.61
C GLY A 18 -18.21 -13.59 -30.23
N LEU A 19 -17.40 -12.99 -29.37
CA LEU A 19 -17.52 -13.14 -27.92
C LEU A 19 -18.19 -11.95 -27.23
N GLY A 26 -18.00 -12.15 -20.71
CA GLY A 26 -17.80 -13.25 -19.77
C GLY A 26 -16.75 -13.04 -18.69
N GLN A 27 -15.82 -12.11 -18.94
CA GLN A 27 -14.73 -11.69 -17.99
C GLN A 27 -14.59 -10.15 -17.96
N ASN A 28 -13.77 -9.66 -17.04
CA ASN A 28 -13.35 -8.25 -16.99
C ASN A 28 -11.91 -8.08 -17.50
N PHE A 29 -11.76 -7.53 -18.70
CA PHE A 29 -10.48 -7.44 -19.38
C PHE A 29 -9.77 -6.20 -18.94
N LEU A 30 -8.51 -6.31 -18.59
CA LEU A 30 -7.75 -5.16 -18.19
C LEU A 30 -7.39 -4.38 -19.48
N VAL A 31 -7.73 -3.10 -19.57
CA VAL A 31 -7.66 -2.39 -20.88
C VAL A 31 -7.02 -1.00 -20.90
N SER A 32 -6.94 -0.35 -19.74
CA SER A 32 -6.52 1.02 -19.74
C SER A 32 -5.02 1.20 -19.85
N GLU A 33 -4.60 1.83 -20.93
CA GLU A 33 -3.22 1.91 -21.27
C GLU A 33 -2.48 2.61 -20.15
N ALA A 34 -3.09 3.59 -19.51
CA ALA A 34 -2.36 4.36 -18.48
C ALA A 34 -1.97 3.50 -17.28
N HIS A 35 -2.93 2.72 -16.81
CA HIS A 35 -2.64 1.79 -15.71
C HIS A 35 -1.63 0.70 -16.06
N LEU A 36 -1.63 0.27 -17.34
CA LEU A 36 -0.62 -0.67 -17.87
C LEU A 36 0.82 -0.21 -17.67
N ARG A 37 1.09 1.05 -17.92
CA ARG A 37 2.40 1.64 -17.72
C ARG A 37 2.90 1.23 -16.34
N ARG A 38 2.06 1.47 -15.32
CA ARG A 38 2.50 1.42 -13.95
C ARG A 38 2.76 0.03 -13.51
N ILE A 39 1.89 -0.91 -13.94
CA ILE A 39 2.11 -2.35 -13.62
C ILE A 39 3.44 -2.77 -14.23
N VAL A 40 3.63 -2.47 -15.52
CA VAL A 40 4.84 -2.91 -16.16
C VAL A 40 6.03 -2.24 -15.42
N GLU A 41 5.93 -0.96 -15.08
CA GLU A 41 7.03 -0.29 -14.41
C GLU A 41 7.37 -0.93 -13.07
N ALA A 42 6.33 -1.21 -12.31
CA ALA A 42 6.41 -1.98 -11.06
C ALA A 42 7.15 -3.31 -11.14
N ALA A 43 7.17 -3.93 -12.32
CA ALA A 43 7.77 -5.23 -12.54
C ALA A 43 9.25 -5.20 -12.91
N ARG A 44 9.71 -4.01 -13.31
CA ARG A 44 11.08 -3.83 -13.75
C ARG A 44 12.07 -3.94 -12.55
N PRO A 45 13.32 -4.43 -12.78
CA PRO A 45 13.88 -4.89 -14.03
C PRO A 45 13.47 -6.30 -14.38
N PHE A 46 13.37 -6.55 -15.67
CA PHE A 46 13.06 -7.91 -16.19
C PHE A 46 14.30 -8.78 -16.26
N THR A 47 14.70 -9.28 -15.09
CA THR A 47 15.95 -10.03 -15.00
C THR A 47 15.80 -11.48 -15.26
N GLY A 48 14.54 -11.95 -15.37
CA GLY A 48 14.27 -13.35 -15.67
C GLY A 48 13.03 -13.40 -16.52
N PRO A 49 12.63 -14.60 -16.91
CA PRO A 49 11.48 -14.63 -17.79
C PRO A 49 10.16 -14.33 -17.02
N VAL A 50 9.18 -13.88 -17.72
CA VAL A 50 7.94 -13.37 -17.10
C VAL A 50 6.75 -14.27 -17.43
N PHE A 51 5.95 -14.61 -16.45
CA PHE A 51 4.85 -15.51 -16.70
C PHE A 51 3.61 -14.68 -16.36
N GLU A 52 2.64 -14.67 -17.24
CA GLU A 52 1.39 -13.91 -17.00
C GLU A 52 0.22 -14.92 -17.01
N VAL A 53 -0.69 -14.82 -16.05
CA VAL A 53 -1.89 -15.67 -16.08
C VAL A 53 -3.07 -14.78 -16.60
N GLY A 54 -3.95 -15.32 -17.43
CA GLY A 54 -5.17 -14.55 -17.78
C GLY A 54 -4.86 -13.38 -18.69
N PRO A 55 -4.12 -13.58 -19.80
CA PRO A 55 -3.80 -12.45 -20.70
C PRO A 55 -5.05 -11.72 -21.25
N GLY A 56 -6.12 -12.48 -21.50
CA GLY A 56 -7.39 -11.93 -21.85
C GLY A 56 -7.31 -11.49 -23.27
N LEU A 57 -7.48 -10.17 -23.47
CA LEU A 57 -7.27 -9.54 -24.80
C LEU A 57 -5.83 -9.29 -25.18
N GLY A 58 -4.93 -9.41 -24.21
CA GLY A 58 -3.45 -9.35 -24.47
C GLY A 58 -2.92 -7.95 -24.16
N ALA A 59 -3.69 -7.12 -23.48
CA ALA A 59 -3.31 -5.73 -23.34
C ALA A 59 -2.09 -5.56 -22.41
N LEU A 60 -2.05 -6.31 -21.30
CA LEU A 60 -0.90 -6.24 -20.40
C LEU A 60 0.26 -7.01 -21.03
N THR A 61 -0.11 -8.07 -21.78
CA THR A 61 0.95 -8.91 -22.47
C THR A 61 1.69 -8.03 -23.46
N ARG A 62 0.91 -7.28 -24.22
CA ARG A 62 1.54 -6.31 -25.19
C ARG A 62 2.55 -5.34 -24.52
N ALA A 63 2.11 -4.68 -23.42
CA ALA A 63 2.93 -3.66 -22.70
C ALA A 63 4.17 -4.32 -22.16
N LEU A 64 4.01 -5.53 -21.63
CA LEU A 64 5.19 -6.30 -21.22
C LEU A 64 6.14 -6.63 -22.37
N LEU A 65 5.64 -7.14 -23.49
CA LEU A 65 6.52 -7.54 -24.57
C LEU A 65 7.27 -6.29 -25.14
N GLU A 66 6.55 -5.18 -25.25
CA GLU A 66 7.15 -3.96 -25.75
C GLU A 66 8.15 -3.35 -24.78
N ALA A 67 8.03 -3.67 -23.49
CA ALA A 67 9.05 -3.30 -22.54
C ALA A 67 10.30 -4.22 -22.55
N GLY A 68 10.28 -5.24 -23.41
CA GLY A 68 11.39 -6.19 -23.58
C GLY A 68 11.41 -7.39 -22.64
N ALA A 69 10.26 -7.66 -22.02
CA ALA A 69 10.12 -8.86 -21.21
C ALA A 69 9.90 -10.04 -22.13
N GLU A 70 10.33 -11.20 -21.66
N GLU A 70 10.42 -11.19 -21.73
CA GLU A 70 10.17 -12.46 -22.36
CA GLU A 70 10.14 -12.43 -22.44
C GLU A 70 9.01 -13.24 -21.69
C GLU A 70 8.98 -13.09 -21.66
N VAL A 71 7.87 -13.22 -22.35
CA VAL A 71 6.58 -13.56 -21.73
C VAL A 71 6.00 -14.90 -22.14
N THR A 72 5.64 -15.72 -21.12
CA THR A 72 4.83 -16.93 -21.37
C THR A 72 3.46 -16.56 -20.79
N ALA A 73 2.43 -16.51 -21.61
CA ALA A 73 1.07 -16.08 -21.12
C ALA A 73 0.12 -17.28 -21.09
N ILE A 74 -0.52 -17.53 -19.94
CA ILE A 74 -1.19 -18.82 -19.68
C ILE A 74 -2.66 -18.48 -19.56
N GLU A 75 -3.47 -18.93 -20.52
CA GLU A 75 -4.90 -18.51 -20.69
C GLU A 75 -5.79 -19.73 -20.70
N LYS A 76 -6.79 -19.75 -19.83
CA LYS A 76 -7.61 -20.93 -19.80
C LYS A 76 -8.63 -20.99 -20.94
N ASP A 77 -8.99 -19.84 -21.51
CA ASP A 77 -10.11 -19.72 -22.52
C ASP A 77 -9.55 -19.76 -23.97
N LEU A 78 -9.55 -20.94 -24.57
CA LEU A 78 -8.97 -21.13 -25.96
C LEU A 78 -9.65 -20.26 -27.01
N ARG A 79 -10.88 -19.88 -26.71
CA ARG A 79 -11.58 -18.99 -27.59
C ARG A 79 -10.88 -17.61 -27.78
N LEU A 80 -9.98 -17.27 -26.85
CA LEU A 80 -9.22 -16.04 -26.95
C LEU A 80 -7.96 -16.17 -27.79
N ARG A 81 -7.62 -17.40 -28.22
CA ARG A 81 -6.37 -17.61 -29.03
C ARG A 81 -6.33 -16.73 -30.29
N PRO A 82 -7.40 -16.74 -31.11
CA PRO A 82 -7.44 -15.82 -32.27
C PRO A 82 -7.30 -14.36 -31.89
N VAL A 83 -7.99 -13.98 -30.80
CA VAL A 83 -7.96 -12.61 -30.29
C VAL A 83 -6.53 -12.25 -29.97
N LEU A 84 -5.85 -13.16 -29.25
CA LEU A 84 -4.48 -12.93 -28.74
C LEU A 84 -3.44 -12.90 -29.84
N GLU A 85 -3.63 -13.80 -30.80
CA GLU A 85 -2.93 -13.76 -32.10
C GLU A 85 -3.12 -12.40 -32.77
N GLU A 86 -4.35 -11.98 -33.00
CA GLU A 86 -4.52 -10.63 -33.56
C GLU A 86 -3.84 -9.52 -32.74
N THR A 87 -4.15 -9.41 -31.44
CA THR A 87 -3.59 -8.31 -30.64
C THR A 87 -2.06 -8.26 -30.47
N LEU A 88 -1.39 -9.41 -30.44
CA LEU A 88 0.10 -9.45 -30.21
C LEU A 88 1.00 -9.65 -31.46
N SER A 89 0.47 -9.25 -32.60
CA SER A 89 1.23 -9.49 -33.84
C SER A 89 2.36 -8.50 -34.04
N GLY A 90 3.57 -9.05 -34.15
CA GLY A 90 4.78 -8.26 -34.21
C GLY A 90 5.58 -8.62 -32.99
N LEU A 91 4.92 -9.22 -32.02
CA LEU A 91 5.57 -9.50 -30.78
C LEU A 91 5.62 -11.01 -30.59
N PRO A 92 6.79 -11.51 -30.29
CA PRO A 92 6.90 -12.95 -30.18
C PRO A 92 6.63 -13.24 -28.76
N VAL A 93 5.77 -14.23 -28.48
CA VAL A 93 5.27 -14.50 -27.09
C VAL A 93 5.10 -16.01 -27.08
N ARG A 94 5.04 -16.65 -25.91
CA ARG A 94 4.63 -18.08 -25.84
C ARG A 94 3.25 -18.12 -25.23
N LEU A 95 2.22 -18.60 -25.95
CA LEU A 95 0.87 -18.73 -25.40
C LEU A 95 0.62 -20.16 -24.99
N VAL A 96 0.12 -20.35 -23.79
CA VAL A 96 -0.17 -21.68 -23.25
C VAL A 96 -1.64 -21.63 -22.91
N PHE A 97 -2.41 -22.65 -23.30
CA PHE A 97 -3.84 -22.68 -22.91
C PHE A 97 -3.95 -23.78 -21.86
N GLN A 98 -4.08 -23.37 -20.59
CA GLN A 98 -4.10 -24.27 -19.44
C GLN A 98 -4.76 -23.49 -18.25
N ASP A 99 -5.43 -24.23 -17.40
CA ASP A 99 -5.92 -23.73 -16.08
C ASP A 99 -4.66 -23.26 -15.28
N ALA A 100 -4.76 -22.09 -14.70
CA ALA A 100 -3.63 -21.46 -13.98
C ALA A 100 -3.07 -22.31 -12.84
N LEU A 101 -3.90 -23.07 -12.14
CA LEU A 101 -3.37 -23.85 -10.97
C LEU A 101 -2.84 -25.20 -11.38
N LEU A 102 -3.21 -25.61 -12.57
CA LEU A 102 -2.60 -26.83 -13.12
C LEU A 102 -1.31 -26.67 -13.94
N TYR A 103 -0.95 -25.45 -14.34
CA TYR A 103 0.32 -25.17 -15.00
C TYR A 103 1.46 -25.67 -14.05
N PRO A 104 2.55 -26.26 -14.61
CA PRO A 104 3.65 -26.72 -13.72
C PRO A 104 4.59 -25.63 -13.16
N TRP A 105 4.10 -24.88 -12.19
CA TRP A 105 4.80 -23.69 -11.64
C TRP A 105 6.12 -24.09 -11.03
N GLU A 106 6.14 -25.27 -10.38
CA GLU A 106 7.46 -25.76 -9.88
C GLU A 106 8.54 -26.04 -10.99
N GLU A 107 8.21 -25.88 -12.27
CA GLU A 107 9.15 -26.11 -13.35
C GLU A 107 9.71 -24.85 -14.06
N VAL A 108 9.24 -23.68 -13.66
CA VAL A 108 9.67 -22.46 -14.29
C VAL A 108 11.17 -22.21 -13.91
N PRO A 109 11.87 -21.46 -14.75
CA PRO A 109 13.25 -21.12 -14.49
C PRO A 109 13.37 -20.41 -13.16
N GLN A 110 14.30 -20.81 -12.32
CA GLN A 110 14.55 -20.06 -11.10
C GLN A 110 14.84 -18.60 -11.48
N GLY A 111 14.28 -17.60 -10.78
CA GLY A 111 14.50 -16.20 -11.14
C GLY A 111 13.41 -15.57 -11.98
N SER A 112 12.37 -16.39 -12.25
CA SER A 112 11.27 -15.95 -13.07
C SER A 112 10.48 -14.87 -12.34
N LEU A 113 9.68 -14.15 -13.11
CA LEU A 113 8.72 -13.21 -12.53
C LEU A 113 7.27 -13.59 -12.87
N LEU A 114 6.35 -13.25 -11.97
CA LEU A 114 4.91 -13.30 -12.30
C LEU A 114 4.51 -11.84 -12.46
N VAL A 115 3.84 -11.51 -13.52
CA VAL A 115 3.13 -10.21 -13.68
C VAL A 115 1.73 -10.46 -14.29
N ALA A 116 0.66 -10.19 -13.56
CA ALA A 116 -0.65 -10.74 -14.01
C ALA A 116 -1.77 -9.99 -13.37
N ASN A 117 -2.90 -9.89 -14.10
CA ASN A 117 -4.18 -9.55 -13.47
C ASN A 117 -4.79 -10.86 -12.94
N LEU A 118 -5.02 -11.00 -11.65
CA LEU A 118 -5.45 -12.32 -11.18
C LEU A 118 -6.96 -12.33 -10.87
N PRO A 119 -7.71 -13.31 -11.43
CA PRO A 119 -9.09 -13.55 -10.92
C PRO A 119 -9.13 -13.74 -9.43
N TYR A 120 -10.20 -13.23 -8.81
CA TYR A 120 -10.43 -13.34 -7.38
C TYR A 120 -10.27 -14.78 -6.87
N HIS A 121 -10.88 -15.74 -7.53
CA HIS A 121 -10.93 -17.14 -7.00
C HIS A 121 -9.59 -17.89 -7.04
N ILE A 122 -8.70 -17.47 -7.91
CA ILE A 122 -7.43 -18.09 -8.11
C ILE A 122 -6.31 -17.38 -7.33
N ALA A 123 -6.47 -16.09 -7.05
CA ALA A 123 -5.37 -15.26 -6.57
C ALA A 123 -4.68 -15.80 -5.36
N THR A 124 -5.41 -16.15 -4.31
CA THR A 124 -4.70 -16.56 -3.06
C THR A 124 -4.00 -17.93 -3.23
N PRO A 125 -4.73 -18.94 -3.73
CA PRO A 125 -4.08 -20.25 -3.98
C PRO A 125 -2.91 -20.09 -4.90
N LEU A 126 -3.02 -19.34 -5.99
CA LEU A 126 -1.88 -19.25 -6.90
C LEU A 126 -0.64 -18.54 -6.24
N VAL A 127 -0.87 -17.36 -5.67
CA VAL A 127 0.29 -16.69 -4.92
C VAL A 127 0.93 -17.53 -3.81
N THR A 128 0.12 -18.19 -2.99
CA THR A 128 0.68 -19.06 -1.89
C THR A 128 1.55 -20.12 -2.52
N ARG A 129 1.04 -20.77 -3.58
CA ARG A 129 1.78 -21.81 -4.28
C ARG A 129 3.16 -21.30 -4.81
N LEU A 130 3.12 -20.17 -5.51
CA LEU A 130 4.34 -19.57 -6.08
C LEU A 130 5.32 -19.18 -4.95
N LEU A 131 4.82 -18.64 -3.86
CA LEU A 131 5.74 -18.27 -2.75
C LEU A 131 6.42 -19.52 -2.19
N LYS A 132 5.65 -20.59 -2.04
CA LYS A 132 6.21 -21.88 -1.50
C LYS A 132 7.25 -22.55 -2.43
N THR A 133 7.13 -22.36 -3.75
CA THR A 133 8.16 -22.85 -4.65
C THR A 133 9.52 -22.25 -4.37
N GLY A 134 9.55 -21.03 -3.85
CA GLY A 134 10.83 -20.34 -3.57
C GLY A 134 11.61 -19.97 -4.83
N ARG A 135 10.99 -20.04 -6.00
CA ARG A 135 11.64 -20.03 -7.32
C ARG A 135 11.57 -18.66 -8.00
N PHE A 136 10.71 -17.73 -7.56
CA PHE A 136 10.52 -16.49 -8.27
C PHE A 136 11.40 -15.36 -7.66
N ALA A 137 11.81 -14.46 -8.54
CA ALA A 137 12.42 -13.17 -8.10
C ALA A 137 11.44 -12.07 -7.62
N ARG A 138 10.24 -12.02 -8.19
CA ARG A 138 9.32 -10.96 -7.96
C ARG A 138 7.93 -11.40 -8.46
N LEU A 139 6.88 -11.06 -7.71
CA LEU A 139 5.47 -11.30 -8.14
C LEU A 139 4.79 -9.95 -8.12
N VAL A 140 4.31 -9.54 -9.27
CA VAL A 140 3.52 -8.29 -9.39
C VAL A 140 2.16 -8.61 -9.89
N PHE A 141 1.09 -8.33 -9.13
CA PHE A 141 -0.18 -8.74 -9.63
C PHE A 141 -1.29 -7.83 -9.19
N LEU A 142 -2.37 -7.82 -10.00
CA LEU A 142 -3.59 -7.08 -9.60
C LEU A 142 -4.50 -8.04 -8.94
N VAL A 143 -5.09 -7.60 -7.84
CA VAL A 143 -6.06 -8.44 -7.13
C VAL A 143 -7.08 -7.52 -6.53
N GLN A 144 -8.24 -8.10 -6.25
CA GLN A 144 -9.31 -7.44 -5.54
C GLN A 144 -8.78 -6.86 -4.23
N LYS A 145 -9.20 -5.62 -3.88
CA LYS A 145 -8.48 -4.88 -2.82
C LYS A 145 -8.37 -5.64 -1.44
N GLU A 146 -9.42 -6.38 -1.14
CA GLU A 146 -9.54 -7.02 0.15
C GLU A 146 -8.46 -8.13 0.27
N VAL A 147 -8.19 -8.81 -0.84
CA VAL A 147 -7.08 -9.80 -0.94
C VAL A 147 -5.77 -9.10 -0.77
N ALA A 148 -5.57 -7.97 -1.43
CA ALA A 148 -4.38 -7.15 -1.16
C ALA A 148 -4.12 -6.70 0.29
N GLU A 149 -5.20 -6.31 1.00
CA GLU A 149 -5.12 -5.87 2.37
C GLU A 149 -4.64 -7.01 3.30
N ARG A 150 -5.19 -8.22 3.15
CA ARG A 150 -4.72 -9.44 3.87
C ARG A 150 -3.27 -9.69 3.59
N MET A 151 -2.92 -9.69 2.33
CA MET A 151 -1.47 -9.89 2.01
C MET A 151 -0.50 -8.89 2.57
N THR A 152 -0.96 -7.69 2.92
CA THR A 152 -0.09 -6.67 3.35
C THR A 152 -0.51 -6.13 4.69
N ALA A 153 -1.47 -6.75 5.38
CA ALA A 153 -1.96 -6.30 6.65
C ALA A 153 -0.88 -6.08 7.74
N ARG A 154 -1.25 -5.19 8.66
N ARG A 154 -1.14 -5.12 8.65
CA ARG A 154 -0.56 -4.86 9.90
CA ARG A 154 -0.36 -4.97 9.89
C ARG A 154 -1.15 -5.69 11.08
C ARG A 154 -1.08 -5.69 11.05
N PRO A 155 -0.33 -6.09 12.07
CA PRO A 155 -0.91 -6.78 13.23
C PRO A 155 -2.06 -6.00 13.84
N LYS A 156 -3.03 -6.74 14.35
CA LYS A 156 -4.11 -6.10 15.12
C LYS A 156 -5.12 -5.36 14.26
N THR A 157 -5.28 -5.78 13.01
CA THR A 157 -6.30 -5.23 12.17
C THR A 157 -7.09 -6.42 11.69
N PRO A 158 -8.33 -6.22 11.25
CA PRO A 158 -9.09 -7.42 10.82
C PRO A 158 -8.56 -8.23 9.64
N ALA A 159 -7.78 -7.59 8.72
CA ALA A 159 -7.23 -8.27 7.52
C ALA A 159 -6.00 -9.15 7.86
N TYR A 160 -5.46 -8.96 9.06
CA TYR A 160 -4.33 -9.77 9.57
C TYR A 160 -4.60 -11.21 9.94
N GLY A 161 -3.81 -12.12 9.44
CA GLY A 161 -4.12 -13.53 9.73
C GLY A 161 -3.07 -14.37 9.11
N VAL A 162 -3.41 -15.63 8.91
CA VAL A 162 -2.48 -16.59 8.37
C VAL A 162 -1.90 -16.15 7.07
N LEU A 163 -2.72 -15.70 6.11
CA LEU A 163 -2.19 -15.28 4.85
C LEU A 163 -1.14 -14.17 4.91
N THR A 164 -1.35 -13.14 5.72
CA THR A 164 -0.37 -12.05 5.91
C THR A 164 1.00 -12.66 6.32
N LEU A 165 0.92 -13.58 7.27
CA LEU A 165 2.16 -14.20 7.84
C LEU A 165 2.78 -15.16 6.83
N ARG A 166 1.99 -15.86 6.03
CA ARG A 166 2.53 -16.67 4.92
C ARG A 166 3.31 -15.85 3.95
N VAL A 167 2.75 -14.70 3.55
CA VAL A 167 3.41 -13.83 2.61
C VAL A 167 4.69 -13.22 3.21
N ALA A 168 4.58 -12.67 4.44
CA ALA A 168 5.76 -12.06 5.10
C ALA A 168 6.91 -13.10 5.29
N HIS A 169 6.59 -14.36 5.54
CA HIS A 169 7.62 -15.38 5.72
C HIS A 169 8.43 -15.59 4.51
N HIS A 170 7.76 -15.64 3.38
CA HIS A 170 8.43 -15.74 2.07
C HIS A 170 8.96 -14.50 1.33
N ALA A 171 8.45 -13.30 1.60
CA ALA A 171 8.62 -12.17 0.68
C ALA A 171 8.42 -10.86 1.40
N VAL A 172 9.03 -9.83 0.86
CA VAL A 172 8.74 -8.44 1.21
C VAL A 172 7.51 -8.01 0.44
N ALA A 173 6.52 -7.46 1.14
CA ALA A 173 5.19 -7.24 0.53
C ALA A 173 4.92 -5.74 0.50
N GLU A 174 4.45 -5.22 -0.64
CA GLU A 174 4.07 -3.82 -0.89
C GLU A 174 2.72 -3.82 -1.57
N ARG A 175 1.85 -2.92 -1.15
CA ARG A 175 0.63 -2.60 -1.91
C ARG A 175 0.89 -1.31 -2.55
N LEU A 176 0.91 -1.28 -3.89
CA LEU A 176 1.42 -0.08 -4.56
C LEU A 176 0.40 1.01 -4.90
N PHE A 177 -0.80 0.61 -5.32
CA PHE A 177 -1.87 1.59 -5.75
C PHE A 177 -3.12 0.81 -6.04
N ASP A 178 -4.28 1.47 -5.97
CA ASP A 178 -5.54 0.87 -6.35
C ASP A 178 -5.92 1.28 -7.76
N LEU A 179 -6.67 0.40 -8.43
CA LEU A 179 -7.16 0.63 -9.77
C LEU A 179 -8.72 0.53 -9.73
N PRO A 180 -9.42 1.51 -10.37
CA PRO A 180 -10.86 1.52 -10.34
C PRO A 180 -11.39 0.65 -11.47
N PRO A 181 -12.73 0.44 -11.53
CA PRO A 181 -13.36 -0.35 -12.58
C PRO A 181 -13.07 0.11 -14.01
N GLY A 182 -12.76 1.41 -14.20
CA GLY A 182 -12.51 1.97 -15.49
C GLY A 182 -11.20 1.48 -16.04
N ALA A 183 -10.42 0.77 -15.22
CA ALA A 183 -9.25 0.09 -15.74
C ALA A 183 -9.59 -1.11 -16.65
N PHE A 184 -10.82 -1.62 -16.52
CA PHE A 184 -11.28 -2.84 -17.21
C PHE A 184 -12.47 -2.60 -18.14
N PHE A 185 -12.71 -3.56 -19.04
CA PHE A 185 -14.00 -3.61 -19.75
C PHE A 185 -14.51 -5.03 -19.90
N PRO A 186 -15.74 -5.35 -19.40
CA PRO A 186 -16.75 -4.50 -18.64
C PRO A 186 -16.09 -4.09 -17.37
N PRO A 187 -16.51 -2.95 -16.77
CA PRO A 187 -16.02 -2.54 -15.44
C PRO A 187 -16.59 -3.48 -14.39
N PRO A 188 -15.77 -3.90 -13.43
CA PRO A 188 -16.16 -4.77 -12.35
C PRO A 188 -16.84 -3.97 -11.23
N LYS A 189 -17.42 -4.67 -10.24
CA LYS A 189 -17.98 -3.94 -9.08
C LYS A 189 -17.10 -3.96 -7.83
N VAL A 190 -15.80 -3.88 -8.02
CA VAL A 190 -14.87 -3.93 -6.88
C VAL A 190 -13.70 -3.00 -7.15
N TRP A 191 -12.97 -2.60 -6.11
CA TRP A 191 -11.70 -1.90 -6.25
C TRP A 191 -10.60 -2.99 -6.41
N SER A 192 -9.56 -2.72 -7.19
CA SER A 192 -8.50 -3.65 -7.37
C SER A 192 -7.24 -2.96 -6.85
N SER A 193 -6.22 -3.77 -6.51
CA SER A 193 -4.92 -3.22 -6.00
C SER A 193 -3.76 -3.92 -6.68
N LEU A 194 -2.66 -3.20 -6.91
CA LEU A 194 -1.46 -3.77 -7.46
C LEU A 194 -0.50 -4.09 -6.32
N VAL A 195 -0.21 -5.38 -6.22
CA VAL A 195 0.65 -5.83 -5.10
C VAL A 195 2.04 -6.20 -5.69
N ARG A 196 3.15 -5.88 -4.99
CA ARG A 196 4.43 -6.48 -5.37
C ARG A 196 4.97 -7.22 -4.22
N LEU A 197 5.28 -8.48 -4.46
CA LEU A 197 5.94 -9.30 -3.50
C LEU A 197 7.33 -9.61 -4.01
N THR A 198 8.31 -9.51 -3.10
CA THR A 198 9.70 -9.81 -3.44
C THR A 198 10.25 -10.93 -2.63
N PRO A 199 10.27 -12.15 -3.21
CA PRO A 199 10.73 -13.26 -2.44
C PRO A 199 12.16 -13.06 -1.87
N THR A 200 12.35 -13.49 -0.65
CA THR A 200 13.71 -13.44 -0.03
C THR A 200 14.57 -14.64 -0.35
N GLY A 201 13.93 -15.75 -0.72
CA GLY A 201 14.55 -17.04 -0.94
C GLY A 201 14.19 -17.98 0.19
N ALA A 202 13.59 -17.47 1.26
CA ALA A 202 12.98 -18.33 2.27
C ALA A 202 11.95 -19.33 1.71
N LEU A 203 12.11 -20.60 2.08
CA LEU A 203 11.23 -21.69 1.65
C LEU A 203 10.25 -21.89 2.74
N ASP A 204 9.34 -22.85 2.58
CA ASP A 204 8.46 -23.19 3.64
C ASP A 204 9.03 -23.57 4.98
N ASP A 205 8.27 -23.23 6.01
CA ASP A 205 8.54 -23.71 7.32
C ASP A 205 7.28 -24.40 7.79
N PRO A 206 7.12 -25.72 7.41
CA PRO A 206 5.87 -26.37 7.79
C PRO A 206 5.57 -26.32 9.31
N GLY A 207 6.55 -26.59 10.19
CA GLY A 207 6.31 -26.50 11.65
C GLY A 207 5.81 -25.15 12.12
N LEU A 208 6.38 -24.09 11.57
CA LEU A 208 5.97 -22.72 11.95
C LEU A 208 4.49 -22.47 11.58
N PHE A 209 4.14 -22.88 10.38
CA PHE A 209 2.75 -22.70 9.85
C PHE A 209 1.68 -23.60 10.51
N ARG A 210 2.08 -24.78 11.05
CA ARG A 210 1.16 -25.49 11.96
C ARG A 210 0.89 -24.65 13.18
N LEU A 211 1.89 -24.06 13.76
CA LEU A 211 1.63 -23.22 14.95
C LEU A 211 0.73 -22.01 14.58
N VAL A 212 1.11 -21.32 13.55
CA VAL A 212 0.34 -20.11 13.14
C VAL A 212 -1.15 -20.46 12.83
N GLU A 213 -1.39 -21.53 12.10
CA GLU A 213 -2.76 -21.97 11.84
C GLU A 213 -3.59 -22.25 13.09
N ALA A 214 -2.99 -22.93 14.07
CA ALA A 214 -3.62 -23.23 15.34
C ALA A 214 -3.91 -21.95 16.11
N ALA A 215 -2.97 -21.02 16.12
CA ALA A 215 -3.09 -19.72 16.80
C ALA A 215 -4.31 -18.93 16.38
N PHE A 216 -4.60 -18.99 15.09
CA PHE A 216 -5.68 -18.20 14.50
C PHE A 216 -6.88 -19.05 14.30
N GLY A 217 -6.87 -20.22 14.93
CA GLY A 217 -7.97 -21.19 14.69
C GLY A 217 -9.26 -20.81 15.38
N LYS A 218 -9.13 -20.42 16.64
CA LYS A 218 -10.23 -20.10 17.51
C LYS A 218 -10.10 -18.56 17.65
N ARG A 219 -10.52 -17.88 16.61
CA ARG A 219 -10.41 -16.41 16.50
C ARG A 219 -11.02 -15.54 17.62
N ARG A 220 -11.88 -16.09 18.47
CA ARG A 220 -12.43 -15.29 19.59
C ARG A 220 -11.73 -15.45 20.94
N LYS A 221 -10.61 -16.16 20.98
CA LYS A 221 -9.99 -16.49 22.27
C LYS A 221 -8.64 -15.82 22.49
N THR A 222 -8.16 -15.71 23.73
CA THR A 222 -6.76 -15.41 23.92
C THR A 222 -5.94 -16.41 23.04
N LEU A 223 -4.68 -16.09 22.73
CA LEU A 223 -3.80 -17.04 22.06
C LEU A 223 -3.60 -18.31 22.97
N LEU A 224 -3.46 -18.06 24.26
CA LEU A 224 -3.29 -19.15 25.29
C LEU A 224 -4.37 -20.20 25.17
N ASN A 225 -5.61 -19.74 25.07
CA ASN A 225 -6.77 -20.60 25.00
C ASN A 225 -7.08 -21.13 23.62
N ALA A 226 -6.68 -20.43 22.58
CA ALA A 226 -6.77 -20.93 21.19
C ALA A 226 -5.74 -22.06 20.99
N LEU A 227 -4.49 -21.82 21.39
CA LEU A 227 -3.51 -22.91 21.33
C LEU A 227 -3.94 -24.09 22.21
N ALA A 228 -4.49 -23.81 23.39
CA ALA A 228 -4.85 -24.93 24.27
C ALA A 228 -5.89 -25.79 23.54
N ALA A 229 -6.92 -25.18 22.98
CA ALA A 229 -7.96 -25.85 22.13
C ALA A 229 -7.45 -26.59 20.85
N ALA A 230 -6.19 -26.40 20.50
CA ALA A 230 -5.64 -27.03 19.31
C ALA A 230 -4.84 -28.22 19.80
N GLY A 231 -4.80 -28.42 21.11
CA GLY A 231 -3.94 -29.47 21.71
C GLY A 231 -2.62 -29.10 22.37
N TYR A 232 -2.23 -27.81 22.36
CA TYR A 232 -1.00 -27.43 23.04
C TYR A 232 -1.17 -27.56 24.54
N PRO A 233 -0.19 -28.22 25.21
CA PRO A 233 -0.24 -28.34 26.65
C PRO A 233 -0.22 -26.94 27.28
N LYS A 234 -1.20 -26.71 28.17
CA LYS A 234 -1.59 -25.39 28.57
C LYS A 234 -0.53 -24.68 29.39
N ALA A 235 0.03 -25.35 30.44
CA ALA A 235 1.04 -24.68 31.27
C ALA A 235 2.31 -24.40 30.48
N ARG A 236 2.55 -25.22 29.45
CA ARG A 236 3.73 -25.06 28.61
C ARG A 236 3.58 -23.75 27.77
N VAL A 237 2.37 -23.53 27.31
CA VAL A 237 2.06 -22.23 26.61
C VAL A 237 2.13 -21.04 27.57
N GLU A 238 1.66 -21.18 28.83
CA GLU A 238 1.69 -20.01 29.73
C GLU A 238 3.15 -19.59 29.95
N GLU A 239 4.00 -20.60 30.22
CA GLU A 239 5.45 -20.49 30.39
C GLU A 239 6.10 -19.83 29.15
N ALA A 240 5.75 -20.33 27.98
CA ALA A 240 6.36 -19.84 26.69
C ALA A 240 6.08 -18.38 26.46
N LEU A 241 4.84 -17.97 26.80
CA LEU A 241 4.39 -16.61 26.65
C LEU A 241 5.06 -15.73 27.72
N ARG A 242 5.25 -16.26 28.95
CA ARG A 242 5.72 -15.35 29.98
C ARG A 242 7.22 -15.19 29.90
N ALA A 243 7.93 -16.23 29.43
CA ALA A 243 9.38 -16.12 29.21
C ALA A 243 9.71 -15.16 28.07
N LEU A 244 8.86 -15.15 27.05
CA LEU A 244 8.86 -14.13 25.94
C LEU A 244 8.29 -12.74 26.31
N GLY A 245 7.83 -12.55 27.56
CA GLY A 245 7.35 -11.25 28.05
C GLY A 245 6.10 -10.76 27.39
N LEU A 246 5.20 -11.68 27.07
CA LEU A 246 3.95 -11.34 26.39
C LEU A 246 2.83 -11.25 27.44
N PRO A 247 1.79 -10.36 27.25
CA PRO A 247 0.68 -10.37 28.25
C PRO A 247 -0.06 -11.73 28.28
N PRO A 248 -0.36 -12.27 29.50
CA PRO A 248 -1.00 -13.59 29.64
C PRO A 248 -2.19 -13.81 28.71
N ARG A 249 -2.89 -12.69 28.40
CA ARG A 249 -4.16 -12.70 27.66
C ARG A 249 -3.96 -12.16 26.24
N VAL A 250 -2.72 -12.20 25.76
CA VAL A 250 -2.40 -11.65 24.44
C VAL A 250 -3.21 -12.42 23.39
N ARG A 251 -3.59 -11.78 22.27
CA ARG A 251 -4.30 -12.49 21.19
C ARG A 251 -3.33 -12.74 20.01
N ALA A 252 -3.66 -13.72 19.18
CA ALA A 252 -2.82 -14.11 18.02
C ALA A 252 -2.55 -12.94 17.07
N GLU A 253 -3.57 -12.10 16.85
CA GLU A 253 -3.41 -10.97 15.83
C GLU A 253 -2.41 -9.95 16.37
N GLU A 254 -2.00 -10.08 17.66
CA GLU A 254 -1.00 -9.15 18.24
C GLU A 254 0.46 -9.54 17.96
N LEU A 255 0.68 -10.78 17.52
CA LEU A 255 2.03 -11.26 17.22
C LEU A 255 2.43 -11.13 15.76
N ASP A 256 3.63 -10.60 15.55
CA ASP A 256 4.18 -10.46 14.23
C ASP A 256 4.94 -11.74 13.96
N LEU A 257 5.55 -11.85 12.79
CA LEU A 257 6.15 -13.09 12.39
C LEU A 257 7.32 -13.49 13.32
N GLU A 258 8.13 -12.53 13.73
CA GLU A 258 9.22 -12.74 14.70
C GLU A 258 8.77 -13.33 16.01
N ALA A 259 7.72 -12.76 16.60
CA ALA A 259 7.06 -13.32 17.77
C ALA A 259 6.55 -14.72 17.55
N PHE A 260 5.96 -15.04 16.40
CA PHE A 260 5.57 -16.44 16.08
C PHE A 260 6.79 -17.35 15.97
N ARG A 261 7.87 -16.85 15.45
CA ARG A 261 9.08 -17.69 15.44
C ARG A 261 9.63 -17.98 16.83
N ARG A 262 9.64 -16.97 17.68
CA ARG A 262 10.17 -17.08 18.99
C ARG A 262 9.27 -17.99 19.82
N LEU A 263 7.97 -17.96 19.54
CA LEU A 263 7.00 -18.79 20.21
C LEU A 263 7.16 -20.26 19.81
N ARG A 264 7.28 -20.50 18.52
CA ARG A 264 7.61 -21.79 18.00
C ARG A 264 8.87 -22.40 18.68
N GLU A 265 9.94 -21.59 18.80
CA GLU A 265 11.15 -22.12 19.48
C GLU A 265 10.87 -22.46 20.94
N GLY A 266 10.15 -21.61 21.69
CA GLY A 266 9.75 -21.91 23.07
C GLY A 266 8.77 -23.09 23.26
N LEU A 267 8.01 -23.43 22.22
CA LEU A 267 7.07 -24.58 22.24
C LEU A 267 7.57 -25.86 21.54
N GLU A 268 8.82 -25.87 21.08
CA GLU A 268 9.42 -27.03 20.45
C GLU A 268 9.22 -28.37 21.17
N GLY A 269 8.48 -29.29 20.54
CA GLY A 269 8.22 -30.66 21.10
C GLY A 269 6.88 -30.83 21.83
N ALA A 270 6.10 -29.75 21.90
CA ALA A 270 4.84 -29.68 22.69
C ALA A 270 3.74 -30.78 22.50
N VAL A 271 3.35 -31.22 21.29
CA VAL A 271 3.80 -30.75 20.00
C VAL A 271 2.61 -30.11 19.22
N SER B 6 10.23 10.07 -11.59
CA SER B 6 9.68 8.90 -12.31
C SER B 6 10.83 7.90 -12.59
N PRO B 7 10.52 6.58 -12.52
CA PRO B 7 11.49 5.53 -12.83
C PRO B 7 11.84 5.56 -14.32
N GLN B 8 10.97 6.18 -15.18
CA GLN B 8 11.35 6.39 -16.58
C GLN B 8 12.58 7.32 -16.62
N SER B 9 12.48 8.46 -15.93
CA SER B 9 13.58 9.37 -15.80
C SER B 9 14.85 8.69 -15.18
N VAL B 10 14.68 7.82 -14.16
CA VAL B 10 15.84 7.16 -13.55
C VAL B 10 16.52 6.24 -14.59
N ARG B 11 15.71 5.43 -15.29
CA ARG B 11 16.21 4.57 -16.39
C ARG B 11 16.92 5.37 -17.51
N ALA B 12 16.33 6.49 -17.92
CA ALA B 12 16.94 7.34 -18.95
C ALA B 12 18.29 7.93 -18.55
N LEU B 13 18.43 8.32 -17.29
CA LEU B 13 19.73 8.83 -16.75
C LEU B 13 20.83 7.74 -16.85
N LEU B 14 20.49 6.57 -16.33
CA LEU B 14 21.35 5.41 -16.44
C LEU B 14 21.79 5.11 -17.89
N GLU B 15 20.82 4.99 -18.81
CA GLU B 15 21.08 4.75 -20.24
C GLU B 15 21.97 5.87 -20.89
N ARG B 16 21.76 7.14 -20.53
CA ARG B 16 22.59 8.24 -21.01
C ARG B 16 24.11 8.07 -20.80
N HIS B 17 24.48 7.22 -19.86
CA HIS B 17 25.90 7.11 -19.50
C HIS B 17 26.38 5.67 -19.66
N GLY B 18 25.73 4.94 -20.56
CA GLY B 18 26.02 3.53 -20.84
C GLY B 18 26.16 2.63 -19.62
N LEU B 19 25.37 2.85 -18.56
CA LEU B 19 25.44 2.10 -17.28
C LEU B 19 24.50 0.89 -17.18
N GLN B 27 24.18 -2.14 -6.70
CA GLN B 27 23.71 -0.79 -6.42
C GLN B 27 22.18 -0.78 -6.37
N ASN B 28 21.57 -0.46 -5.24
CA ASN B 28 20.21 -0.01 -5.27
C ASN B 28 20.17 1.48 -4.99
N PHE B 29 19.72 2.28 -5.94
CA PHE B 29 19.77 3.72 -5.79
C PHE B 29 18.54 4.14 -5.13
N LEU B 30 18.68 4.99 -4.13
CA LEU B 30 17.55 5.61 -3.45
C LEU B 30 16.92 6.63 -4.40
N VAL B 31 15.63 6.52 -4.62
CA VAL B 31 14.98 7.37 -5.63
C VAL B 31 13.65 7.94 -5.18
N SER B 32 12.99 7.30 -4.21
CA SER B 32 11.66 7.79 -3.76
C SER B 32 11.76 9.21 -3.20
N GLU B 33 11.10 10.16 -3.84
CA GLU B 33 11.13 11.55 -3.41
C GLU B 33 10.48 11.75 -2.09
N ALA B 34 9.39 11.02 -1.84
CA ALA B 34 8.68 11.03 -0.58
C ALA B 34 9.54 10.66 0.62
N HIS B 35 10.24 9.54 0.52
CA HIS B 35 11.20 9.14 1.59
C HIS B 35 12.43 10.07 1.69
N LEU B 36 13.01 10.43 0.55
CA LEU B 36 14.09 11.47 0.50
C LEU B 36 13.83 12.62 1.45
N ARG B 37 12.60 13.10 1.46
CA ARG B 37 12.30 14.32 2.17
C ARG B 37 12.20 14.03 3.67
N ARG B 38 11.71 12.85 4.02
CA ARG B 38 11.66 12.51 5.44
C ARG B 38 13.07 12.25 5.95
N ILE B 39 13.95 11.73 5.09
CA ILE B 39 15.37 11.53 5.50
C ILE B 39 16.01 12.90 5.75
N VAL B 40 15.82 13.89 4.86
CA VAL B 40 16.41 15.24 5.07
C VAL B 40 15.88 15.85 6.36
N GLU B 41 14.56 15.77 6.53
CA GLU B 41 13.87 16.25 7.74
C GLU B 41 14.47 15.65 9.00
N ALA B 42 14.80 14.37 8.91
CA ALA B 42 15.35 13.61 10.05
C ALA B 42 16.74 14.07 10.43
N ALA B 43 17.48 14.63 9.47
CA ALA B 43 18.87 15.03 9.70
C ALA B 43 19.01 16.48 10.23
N ARG B 44 17.90 17.23 10.24
CA ARG B 44 17.88 18.59 10.81
C ARG B 44 18.03 18.65 12.36
N PRO B 45 18.57 19.76 12.90
CA PRO B 45 19.18 20.93 12.26
C PRO B 45 20.59 20.66 11.63
N PHE B 46 20.86 21.23 10.45
CA PHE B 46 22.17 21.21 9.82
C PHE B 46 23.20 22.17 10.49
N THR B 47 23.48 21.93 11.77
CA THR B 47 24.50 22.70 12.50
C THR B 47 25.98 22.45 12.12
N GLY B 48 26.31 21.38 11.39
CA GLY B 48 27.69 21.19 10.91
C GLY B 48 27.70 20.71 9.47
N PRO B 49 28.89 20.57 8.88
CA PRO B 49 28.95 20.02 7.51
C PRO B 49 28.42 18.56 7.46
N VAL B 50 27.86 18.17 6.30
CA VAL B 50 27.27 16.80 6.09
C VAL B 50 28.18 16.01 5.15
N PHE B 51 28.43 14.75 5.53
CA PHE B 51 29.14 13.80 4.70
C PHE B 51 28.11 12.75 4.32
N GLU B 52 28.13 12.44 3.04
CA GLU B 52 27.28 11.36 2.55
C GLU B 52 28.16 10.34 1.91
N VAL B 53 27.89 9.06 2.20
CA VAL B 53 28.65 7.97 1.65
C VAL B 53 27.70 7.32 0.62
N GLY B 54 28.25 6.91 -0.52
CA GLY B 54 27.46 6.27 -1.61
C GLY B 54 26.32 7.15 -2.11
N PRO B 55 26.64 8.36 -2.64
CA PRO B 55 25.62 9.27 -3.22
C PRO B 55 24.77 8.67 -4.37
N GLY B 56 25.32 7.70 -5.10
CA GLY B 56 24.56 6.98 -6.09
C GLY B 56 24.32 7.85 -7.31
N LEU B 57 23.05 8.11 -7.65
CA LEU B 57 22.68 8.99 -8.78
C LEU B 57 22.61 10.42 -8.32
N GLY B 58 22.75 10.60 -7.02
CA GLY B 58 22.80 11.92 -6.42
C GLY B 58 21.47 12.37 -5.89
N ALA B 59 20.49 11.46 -5.81
CA ALA B 59 19.16 11.91 -5.33
C ALA B 59 19.10 12.41 -3.85
N LEU B 60 19.66 11.69 -2.89
CA LEU B 60 19.68 12.22 -1.55
C LEU B 60 20.66 13.46 -1.48
N THR B 61 21.77 13.39 -2.23
CA THR B 61 22.75 14.52 -2.27
C THR B 61 22.05 15.82 -2.72
N ARG B 62 21.18 15.75 -3.73
CA ARG B 62 20.43 16.92 -4.21
C ARG B 62 19.46 17.46 -3.17
N ALA B 63 18.78 16.57 -2.44
CA ALA B 63 17.75 16.94 -1.48
C ALA B 63 18.40 17.61 -0.32
N LEU B 64 19.55 17.06 0.14
CA LEU B 64 20.34 17.76 1.13
C LEU B 64 20.79 19.14 0.62
N LEU B 65 21.38 19.21 -0.54
CA LEU B 65 21.86 20.49 -0.98
C LEU B 65 20.69 21.46 -1.04
N GLU B 66 19.56 21.03 -1.61
CA GLU B 66 18.37 21.91 -1.73
C GLU B 66 17.84 22.36 -0.37
N ALA B 67 18.04 21.56 0.69
CA ALA B 67 17.72 21.96 2.08
C ALA B 67 18.76 22.84 2.76
N GLY B 68 19.79 23.22 2.03
CA GLY B 68 20.83 24.09 2.57
C GLY B 68 21.99 23.43 3.32
N ALA B 69 22.04 22.09 3.38
CA ALA B 69 23.21 21.42 3.91
C ALA B 69 24.47 21.69 3.03
N GLU B 70 25.63 21.80 3.66
CA GLU B 70 26.92 21.76 2.95
C GLU B 70 27.40 20.31 2.94
N VAL B 71 27.57 19.72 1.76
CA VAL B 71 27.75 18.26 1.61
C VAL B 71 29.05 17.91 0.93
N THR B 72 29.78 16.96 1.51
CA THR B 72 30.85 16.28 0.85
C THR B 72 30.25 14.91 0.59
N ALA B 73 30.30 14.44 -0.66
CA ALA B 73 29.78 13.09 -1.00
C ALA B 73 30.91 12.18 -1.43
N ILE B 74 31.02 11.05 -0.74
CA ILE B 74 32.13 10.16 -0.94
C ILE B 74 31.60 8.94 -1.68
N GLU B 75 32.10 8.73 -2.89
CA GLU B 75 31.64 7.72 -3.79
C GLU B 75 32.78 6.82 -4.19
N LYS B 76 32.67 5.49 -4.06
CA LYS B 76 33.79 4.65 -4.54
C LYS B 76 33.82 4.36 -6.04
N ASP B 77 32.70 4.54 -6.72
CA ASP B 77 32.65 4.21 -8.15
C ASP B 77 32.84 5.43 -9.07
N LEU B 78 33.98 5.42 -9.75
CA LEU B 78 34.38 6.49 -10.69
C LEU B 78 33.33 6.71 -11.81
N ARG B 79 32.78 5.61 -12.31
CA ARG B 79 31.76 5.61 -13.36
C ARG B 79 30.55 6.52 -13.08
N LEU B 80 30.37 6.99 -11.84
CA LEU B 80 29.20 7.80 -11.46
C LEU B 80 29.50 9.27 -11.43
N ARG B 81 30.80 9.60 -11.54
CA ARG B 81 31.34 10.95 -11.79
C ARG B 81 30.42 11.77 -12.76
N PRO B 82 30.29 11.32 -14.01
CA PRO B 82 29.43 12.02 -14.99
C PRO B 82 27.97 12.15 -14.54
N VAL B 83 27.43 11.06 -13.98
CA VAL B 83 26.03 11.08 -13.53
C VAL B 83 25.90 12.11 -12.49
N LEU B 84 26.83 12.08 -11.55
CA LEU B 84 26.77 12.98 -10.38
C LEU B 84 27.02 14.41 -10.80
N GLU B 85 28.00 14.58 -11.68
CA GLU B 85 28.25 15.88 -12.35
C GLU B 85 26.94 16.51 -12.90
N GLU B 86 26.15 15.69 -13.58
CA GLU B 86 24.88 16.12 -14.18
C GLU B 86 23.67 16.32 -13.24
N THR B 87 23.32 15.31 -12.42
CA THR B 87 22.22 15.49 -11.44
C THR B 87 22.40 16.65 -10.48
N LEU B 88 23.66 16.98 -10.24
CA LEU B 88 24.02 17.90 -9.17
C LEU B 88 24.47 19.23 -9.70
N SER B 89 24.38 19.41 -11.03
CA SER B 89 24.81 20.73 -11.64
C SER B 89 23.91 21.85 -11.10
N GLY B 90 24.48 23.04 -10.83
CA GLY B 90 23.69 24.13 -10.23
C GLY B 90 23.67 24.10 -8.72
N LEU B 91 24.34 23.07 -8.16
CA LEU B 91 24.51 22.90 -6.71
C LEU B 91 26.04 22.75 -6.35
N PRO B 92 26.53 23.53 -5.36
CA PRO B 92 27.88 23.37 -4.80
C PRO B 92 27.92 22.26 -3.75
N VAL B 93 29.01 21.51 -3.75
CA VAL B 93 29.08 20.21 -3.09
C VAL B 93 30.49 19.78 -3.41
N ARG B 94 31.11 19.02 -2.51
CA ARG B 94 32.41 18.44 -2.83
C ARG B 94 32.19 16.95 -3.14
N LEU B 95 32.67 16.50 -4.29
CA LEU B 95 32.65 15.10 -4.60
C LEU B 95 34.06 14.60 -4.35
N VAL B 96 34.11 13.52 -3.57
CA VAL B 96 35.31 12.77 -3.25
C VAL B 96 35.10 11.32 -3.78
N PHE B 97 36.06 10.80 -4.53
CA PHE B 97 35.99 9.40 -4.91
C PHE B 97 37.00 8.64 -4.08
N GLN B 98 36.52 7.78 -3.19
CA GLN B 98 37.35 7.15 -2.22
C GLN B 98 36.51 6.05 -1.59
N ASP B 99 37.17 4.98 -1.19
CA ASP B 99 36.53 3.91 -0.49
C ASP B 99 36.10 4.51 0.87
N ALA B 100 34.88 4.24 1.32
CA ALA B 100 34.27 4.94 2.50
C ALA B 100 34.99 4.60 3.83
N LEU B 101 35.51 3.39 3.93
CA LEU B 101 36.27 2.99 5.16
C LEU B 101 37.69 3.50 5.20
N LEU B 102 38.25 3.92 4.05
CA LEU B 102 39.56 4.51 4.00
C LEU B 102 39.54 6.04 4.04
N TYR B 103 38.38 6.64 3.92
CA TYR B 103 38.25 8.10 4.01
C TYR B 103 38.79 8.49 5.43
N PRO B 104 39.45 9.66 5.56
CA PRO B 104 40.07 9.97 6.86
C PRO B 104 39.06 10.64 7.73
N TRP B 105 38.21 9.82 8.36
CA TRP B 105 37.13 10.32 9.17
C TRP B 105 37.59 11.13 10.37
N GLU B 106 38.84 10.89 10.84
CA GLU B 106 39.16 11.41 12.18
C GLU B 106 39.55 12.88 12.01
N GLU B 107 39.55 13.31 10.76
CA GLU B 107 39.82 14.64 10.35
C GLU B 107 38.61 15.55 10.10
N VAL B 108 37.39 15.01 10.04
CA VAL B 108 36.20 15.85 9.71
C VAL B 108 36.02 16.88 10.79
N PRO B 109 35.44 18.04 10.48
CA PRO B 109 35.23 18.96 11.60
C PRO B 109 34.42 18.36 12.73
N GLN B 110 34.77 18.60 13.97
CA GLN B 110 33.94 18.22 15.07
C GLN B 110 32.60 18.85 14.89
N GLY B 111 31.53 18.12 15.17
CA GLY B 111 30.19 18.60 14.89
C GLY B 111 29.58 18.22 13.55
N SER B 112 30.33 17.45 12.75
CA SER B 112 29.84 17.05 11.41
C SER B 112 28.63 16.10 11.53
N LEU B 113 27.92 15.96 10.41
CA LEU B 113 26.79 15.01 10.28
C LEU B 113 27.10 13.99 9.28
N LEU B 114 26.59 12.79 9.52
CA LEU B 114 26.51 11.81 8.47
C LEU B 114 25.05 11.65 7.99
N VAL B 115 24.84 11.72 6.68
CA VAL B 115 23.50 11.37 6.11
C VAL B 115 23.70 10.53 4.88
N ALA B 116 23.30 9.24 4.91
CA ALA B 116 23.66 8.34 3.80
C ALA B 116 22.73 7.15 3.82
N ASN B 117 22.62 6.60 2.62
CA ASN B 117 22.08 5.31 2.36
C ASN B 117 23.29 4.42 2.47
N LEU B 118 23.33 3.60 3.51
CA LEU B 118 24.46 2.68 3.61
C LEU B 118 24.18 1.17 3.18
N PRO B 119 25.05 0.69 2.33
CA PRO B 119 25.24 -0.73 1.95
C PRO B 119 25.36 -1.60 3.18
N TYR B 120 24.81 -2.80 3.04
CA TYR B 120 24.75 -3.76 4.11
C TYR B 120 26.20 -4.05 4.56
N HIS B 121 27.14 -4.05 3.61
CA HIS B 121 28.58 -4.52 3.82
C HIS B 121 29.50 -3.57 4.61
N ILE B 122 29.36 -2.29 4.31
CA ILE B 122 30.07 -1.15 4.92
C ILE B 122 29.38 -0.58 6.18
N ALA B 123 28.05 -0.73 6.29
CA ALA B 123 27.28 -0.10 7.37
C ALA B 123 27.69 -0.28 8.83
N THR B 124 27.77 -1.52 9.33
CA THR B 124 28.20 -1.66 10.74
C THR B 124 29.65 -1.17 10.99
N PRO B 125 30.67 -1.67 10.24
CA PRO B 125 32.00 -1.08 10.46
C PRO B 125 32.08 0.45 10.30
N LEU B 126 31.42 1.07 9.32
CA LEU B 126 31.52 2.50 9.16
C LEU B 126 30.87 3.17 10.35
N VAL B 127 29.66 2.73 10.69
CA VAL B 127 28.96 3.36 11.83
C VAL B 127 29.75 3.21 13.06
N THR B 128 30.22 2.00 13.37
CA THR B 128 31.15 1.78 14.57
C THR B 128 32.37 2.80 14.71
N ARG B 129 33.10 2.92 13.60
CA ARG B 129 34.24 3.83 13.38
C ARG B 129 33.88 5.27 13.64
N LEU B 130 32.80 5.76 13.01
CA LEU B 130 32.36 7.18 13.20
C LEU B 130 31.97 7.42 14.63
N LEU B 131 31.26 6.47 15.24
CA LEU B 131 30.94 6.73 16.66
C LEU B 131 32.18 6.76 17.58
N LYS B 132 33.14 5.91 17.23
CA LYS B 132 34.36 5.94 18.03
C LYS B 132 35.12 7.25 17.87
N THR B 133 35.01 7.92 16.73
CA THR B 133 35.76 9.19 16.56
C THR B 133 35.27 10.21 17.61
N GLY B 134 34.02 10.05 18.06
CA GLY B 134 33.30 11.11 18.75
C GLY B 134 33.10 12.46 18.04
N ARG B 135 33.38 12.56 16.75
CA ARG B 135 33.38 13.87 16.13
C ARG B 135 32.05 14.31 15.54
N PHE B 136 31.05 13.40 15.50
CA PHE B 136 29.79 13.66 14.84
C PHE B 136 28.73 14.18 15.80
N ALA B 137 27.96 15.16 15.35
CA ALA B 137 26.70 15.56 16.07
C ALA B 137 25.45 14.60 15.91
N ARG B 138 25.32 14.03 14.72
CA ARG B 138 24.21 13.18 14.34
C ARG B 138 24.64 12.28 13.19
N LEU B 139 24.13 11.05 13.19
CA LEU B 139 24.29 10.12 12.06
C LEU B 139 22.90 9.64 11.62
N VAL B 140 22.58 9.86 10.35
CA VAL B 140 21.22 9.48 9.86
C VAL B 140 21.47 8.66 8.66
N PHE B 141 20.93 7.41 8.65
CA PHE B 141 21.35 6.54 7.59
C PHE B 141 20.35 5.45 7.36
N LEU B 142 20.34 5.00 6.13
CA LEU B 142 19.52 3.86 5.72
C LEU B 142 20.34 2.62 5.77
N VAL B 143 19.81 1.58 6.44
CA VAL B 143 20.39 0.25 6.45
C VAL B 143 19.25 -0.79 6.27
N GLN B 144 19.65 -2.04 6.05
CA GLN B 144 18.74 -3.20 6.07
C GLN B 144 18.12 -3.28 7.47
N LYS B 145 16.84 -3.69 7.54
CA LYS B 145 16.05 -3.67 8.72
C LYS B 145 16.78 -4.50 9.78
N GLU B 146 17.40 -5.64 9.40
CA GLU B 146 18.05 -6.49 10.43
C GLU B 146 19.23 -5.75 11.12
N VAL B 147 19.90 -4.88 10.34
CA VAL B 147 21.06 -4.10 10.86
C VAL B 147 20.51 -3.09 11.84
N ALA B 148 19.47 -2.36 11.45
CA ALA B 148 18.78 -1.42 12.36
C ALA B 148 18.28 -2.06 13.66
N GLU B 149 17.71 -3.27 13.55
CA GLU B 149 17.18 -3.97 14.71
C GLU B 149 18.31 -4.23 15.71
N ARG B 150 19.48 -4.71 15.25
CA ARG B 150 20.68 -4.87 16.14
C ARG B 150 21.09 -3.55 16.84
N MET B 151 21.13 -2.46 16.08
CA MET B 151 21.59 -1.17 16.58
C MET B 151 20.56 -0.57 17.55
N THR B 152 19.29 -1.01 17.49
CA THR B 152 18.29 -0.43 18.42
C THR B 152 17.66 -1.42 19.38
N ALA B 153 18.24 -2.60 19.49
CA ALA B 153 17.65 -3.70 20.21
C ALA B 153 17.52 -3.49 21.78
N ARG B 154 16.54 -4.20 22.39
CA ARG B 154 16.33 -4.29 23.84
C ARG B 154 17.01 -5.57 24.39
N PRO B 155 17.42 -5.60 25.68
CA PRO B 155 17.98 -6.85 26.22
C PRO B 155 17.07 -8.04 25.99
N LYS B 156 17.62 -9.24 25.92
CA LYS B 156 16.80 -10.49 25.88
C LYS B 156 16.15 -10.79 24.53
N THR B 157 16.57 -10.14 23.48
CA THR B 157 15.93 -10.38 22.18
C THR B 157 17.07 -10.95 21.30
N PRO B 158 16.73 -11.71 20.24
CA PRO B 158 17.71 -12.18 19.25
C PRO B 158 18.64 -11.10 18.66
N ALA B 159 18.13 -9.88 18.40
CA ALA B 159 19.00 -8.84 17.75
C ALA B 159 19.98 -8.14 18.73
N TYR B 160 19.84 -8.42 20.02
CA TYR B 160 20.70 -7.82 21.05
C TYR B 160 22.11 -8.40 21.06
N GLY B 161 23.13 -7.57 20.87
CA GLY B 161 24.48 -8.06 21.07
C GLY B 161 25.43 -6.89 21.17
N VAL B 162 26.66 -7.11 20.74
CA VAL B 162 27.75 -6.20 20.95
C VAL B 162 27.45 -4.90 20.26
N LEU B 163 26.89 -4.99 19.04
CA LEU B 163 26.62 -3.81 18.27
C LEU B 163 25.62 -2.95 19.03
N THR B 164 24.60 -3.57 19.64
CA THR B 164 23.59 -2.78 20.33
C THR B 164 24.31 -1.90 21.39
N LEU B 165 25.24 -2.50 22.09
CA LEU B 165 25.91 -1.81 23.23
C LEU B 165 26.91 -0.75 22.79
N ARG B 166 27.60 -1.05 21.70
CA ARG B 166 28.55 -0.11 21.08
C ARG B 166 27.79 1.15 20.73
N VAL B 167 26.62 0.99 20.10
CA VAL B 167 25.82 2.13 19.73
C VAL B 167 25.34 2.84 21.03
N ALA B 168 24.75 2.09 21.97
CA ALA B 168 24.15 2.70 23.13
C ALA B 168 25.22 3.47 23.96
N HIS B 169 26.43 2.98 24.02
CA HIS B 169 27.53 3.65 24.70
C HIS B 169 27.84 5.00 24.17
N HIS B 170 27.87 5.13 22.85
CA HIS B 170 28.21 6.42 22.20
C HIS B 170 27.02 7.27 21.95
N ALA B 171 25.82 6.70 21.86
CA ALA B 171 24.72 7.51 21.32
C ALA B 171 23.35 7.14 21.76
N VAL B 172 22.44 8.10 21.60
CA VAL B 172 20.97 7.80 21.57
C VAL B 172 20.56 7.33 20.15
N ALA B 173 19.87 6.20 20.11
CA ALA B 173 19.57 5.41 18.90
C ALA B 173 18.05 5.34 18.73
N GLU B 174 17.59 5.78 17.55
CA GLU B 174 16.18 5.78 17.15
C GLU B 174 16.07 5.09 15.80
N ARG B 175 15.07 4.22 15.73
CA ARG B 175 14.69 3.62 14.45
C ARG B 175 13.45 4.35 14.04
N LEU B 176 13.55 5.16 12.98
CA LEU B 176 12.48 6.12 12.66
C LEU B 176 11.29 5.54 11.83
N PHE B 177 11.64 4.76 10.80
CA PHE B 177 10.65 4.24 9.88
C PHE B 177 11.27 3.19 9.04
N ASP B 178 10.44 2.30 8.51
CA ASP B 178 10.89 1.37 7.50
C ASP B 178 10.59 1.94 6.08
N LEU B 179 11.36 1.49 5.10
CA LEU B 179 11.19 1.93 3.72
C LEU B 179 11.05 0.62 2.90
N PRO B 180 10.05 0.57 2.01
CA PRO B 180 9.86 -0.66 1.25
C PRO B 180 10.86 -0.67 0.04
N PRO B 181 10.95 -1.80 -0.65
CA PRO B 181 11.82 -1.91 -1.81
C PRO B 181 11.55 -0.82 -2.84
N GLY B 182 10.29 -0.39 -2.98
CA GLY B 182 9.95 0.65 -3.98
C GLY B 182 10.53 2.02 -3.71
N ALA B 183 11.18 2.22 -2.56
CA ALA B 183 11.93 3.46 -2.30
C ALA B 183 13.23 3.55 -3.11
N PHE B 184 13.66 2.43 -3.68
CA PHE B 184 14.95 2.23 -4.43
C PHE B 184 14.70 1.72 -5.88
N PHE B 185 15.70 1.92 -6.72
CA PHE B 185 15.80 1.26 -8.03
C PHE B 185 17.23 0.77 -8.29
N PRO B 186 17.39 -0.52 -8.60
CA PRO B 186 16.40 -1.62 -8.58
C PRO B 186 15.98 -1.89 -7.13
N PRO B 187 14.74 -2.37 -6.92
CA PRO B 187 14.29 -2.73 -5.58
C PRO B 187 15.07 -3.88 -4.96
N PRO B 188 15.43 -3.73 -3.69
CA PRO B 188 16.06 -4.78 -2.93
C PRO B 188 15.07 -5.88 -2.51
N LYS B 189 15.58 -7.00 -2.01
CA LYS B 189 14.72 -8.02 -1.41
C LYS B 189 14.69 -8.00 0.10
N VAL B 190 14.86 -6.79 0.67
CA VAL B 190 14.83 -6.62 2.09
C VAL B 190 14.00 -5.40 2.45
N TRP B 191 13.55 -5.38 3.71
CA TRP B 191 13.00 -4.11 4.28
C TRP B 191 14.24 -3.26 4.69
N SER B 192 14.11 -1.95 4.64
CA SER B 192 15.17 -1.03 5.02
C SER B 192 14.63 -0.18 6.12
N SER B 193 15.49 0.44 6.91
CA SER B 193 14.99 1.33 7.95
C SER B 193 15.91 2.53 8.07
N LEU B 194 15.35 3.65 8.45
CA LEU B 194 16.09 4.85 8.69
C LEU B 194 16.39 4.88 10.19
N VAL B 195 17.67 5.03 10.50
CA VAL B 195 18.19 5.07 11.87
C VAL B 195 18.79 6.44 12.12
N ARG B 196 18.45 7.01 13.27
CA ARG B 196 19.07 8.23 13.71
C ARG B 196 19.87 8.01 14.99
N LEU B 197 21.18 8.32 14.90
CA LEU B 197 22.04 8.25 16.09
C LEU B 197 22.47 9.62 16.45
N THR B 198 22.29 9.92 17.73
CA THR B 198 22.80 11.15 18.28
C THR B 198 23.90 10.91 19.39
N PRO B 199 25.20 11.12 19.01
CA PRO B 199 26.32 10.99 19.92
C PRO B 199 26.19 11.85 21.13
N THR B 200 26.45 11.23 22.26
CA THR B 200 26.46 11.97 23.57
C THR B 200 27.78 12.70 23.91
N GLY B 201 28.89 12.33 23.23
CA GLY B 201 30.17 12.91 23.56
C GLY B 201 31.01 11.84 24.23
N ALA B 202 30.34 10.74 24.62
CA ALA B 202 31.07 9.59 25.15
C ALA B 202 32.02 8.95 24.10
N LEU B 203 33.30 8.81 24.56
CA LEU B 203 34.34 8.30 23.71
C LEU B 203 34.42 6.84 23.98
N ASP B 204 35.31 6.12 23.31
CA ASP B 204 35.39 4.69 23.49
C ASP B 204 35.80 4.38 24.93
N ASP B 205 35.38 3.21 25.38
CA ASP B 205 35.76 2.65 26.66
C ASP B 205 36.37 1.26 26.37
N PRO B 206 37.66 1.24 26.00
CA PRO B 206 38.15 -0.06 25.49
C PRO B 206 38.03 -1.24 26.43
N GLY B 207 38.34 -1.03 27.71
CA GLY B 207 38.18 -2.04 28.77
C GLY B 207 36.78 -2.61 28.82
N LEU B 208 35.76 -1.74 28.83
CA LEU B 208 34.36 -2.17 28.78
C LEU B 208 34.08 -3.07 27.62
N PHE B 209 34.48 -2.70 26.42
CA PHE B 209 34.11 -3.50 25.24
C PHE B 209 34.90 -4.78 25.04
N ARG B 210 36.05 -4.90 25.70
CA ARG B 210 36.79 -6.20 25.89
C ARG B 210 35.96 -7.13 26.74
N LEU B 211 35.41 -6.65 27.85
CA LEU B 211 34.40 -7.42 28.59
C LEU B 211 33.10 -7.73 27.80
N VAL B 212 32.51 -6.73 27.17
CA VAL B 212 31.31 -6.97 26.33
C VAL B 212 31.57 -8.06 25.27
N GLU B 213 32.64 -7.91 24.47
CA GLU B 213 33.03 -8.95 23.48
C GLU B 213 33.15 -10.36 24.02
N ALA B 214 33.88 -10.52 25.14
CA ALA B 214 34.09 -11.82 25.83
C ALA B 214 32.81 -12.44 26.39
N ALA B 215 31.97 -11.62 27.03
CA ALA B 215 30.56 -11.94 27.42
C ALA B 215 29.67 -12.56 26.32
N PHE B 216 29.79 -12.03 25.10
CA PHE B 216 29.05 -12.48 23.95
C PHE B 216 30.01 -13.42 23.25
N GLY B 217 29.94 -13.61 21.93
CA GLY B 217 31.04 -14.39 21.31
C GLY B 217 30.99 -15.91 21.54
N LYS B 218 31.00 -16.36 22.81
CA LYS B 218 30.57 -17.74 23.14
C LYS B 218 29.03 -17.84 23.33
N ARG B 219 28.31 -17.79 22.20
CA ARG B 219 26.83 -17.66 22.12
C ARG B 219 25.91 -18.49 23.06
N ARG B 220 26.28 -19.72 23.37
CA ARG B 220 25.36 -20.64 24.06
C ARG B 220 25.72 -20.85 25.51
N LYS B 221 26.81 -20.21 25.95
CA LYS B 221 27.27 -20.34 27.34
C LYS B 221 26.67 -19.22 28.15
N THR B 222 26.36 -19.51 29.41
CA THR B 222 26.06 -18.47 30.40
C THR B 222 27.17 -17.39 30.46
N LEU B 223 26.83 -16.23 31.02
CA LEU B 223 27.83 -15.16 31.25
C LEU B 223 29.10 -15.69 31.92
N LEU B 224 28.90 -16.35 33.06
CA LEU B 224 30.00 -16.96 33.82
C LEU B 224 30.89 -17.83 32.96
N ASN B 225 30.28 -18.62 32.08
CA ASN B 225 31.01 -19.62 31.28
C ASN B 225 31.63 -19.16 29.96
N ALA B 226 31.12 -18.05 29.42
CA ALA B 226 31.80 -17.41 28.29
C ALA B 226 32.97 -16.66 28.87
N LEU B 227 32.77 -16.18 30.09
CA LEU B 227 33.73 -15.36 30.78
C LEU B 227 34.83 -16.22 31.38
N ALA B 228 34.44 -17.22 32.16
CA ALA B 228 35.34 -18.29 32.57
C ALA B 228 36.28 -18.72 31.43
N ALA B 229 35.70 -18.99 30.26
CA ALA B 229 36.43 -19.50 29.09
C ALA B 229 37.07 -18.43 28.18
N ALA B 230 37.39 -17.25 28.73
CA ALA B 230 37.67 -16.03 27.92
C ALA B 230 39.09 -15.47 28.04
N GLY B 231 39.69 -15.71 29.19
CA GLY B 231 40.86 -14.95 29.59
C GLY B 231 40.53 -14.47 31.00
N TYR B 232 39.23 -14.26 31.24
CA TYR B 232 38.68 -13.98 32.57
C TYR B 232 38.69 -15.28 33.37
N PRO B 233 39.07 -15.19 34.65
CA PRO B 233 39.12 -16.34 35.54
C PRO B 233 37.84 -16.49 36.36
N LYS B 234 37.10 -17.59 36.15
CA LYS B 234 35.90 -17.94 36.93
C LYS B 234 36.10 -17.80 38.44
N ALA B 235 36.93 -16.85 38.86
CA ALA B 235 37.23 -16.70 40.27
C ALA B 235 36.37 -15.57 40.75
N ARG B 236 36.85 -14.35 40.49
CA ARG B 236 36.12 -13.15 40.84
C ARG B 236 34.79 -13.13 40.08
N VAL B 237 34.78 -13.51 38.79
CA VAL B 237 33.55 -13.55 37.96
C VAL B 237 32.26 -13.99 38.71
N GLU B 238 32.25 -15.17 39.32
CA GLU B 238 31.08 -15.62 40.10
C GLU B 238 30.89 -14.81 41.41
N GLU B 239 31.92 -14.08 41.82
CA GLU B 239 31.86 -13.22 42.98
C GLU B 239 31.35 -11.82 42.64
N ALA B 240 31.78 -11.31 41.50
CA ALA B 240 31.27 -10.05 40.97
C ALA B 240 29.79 -10.19 40.64
N LEU B 241 29.41 -11.29 39.98
CA LEU B 241 28.00 -11.53 39.68
C LEU B 241 27.20 -11.62 40.97
N ARG B 242 27.77 -12.30 41.96
CA ARG B 242 27.19 -12.41 43.30
C ARG B 242 27.03 -11.03 43.96
N ALA B 243 28.13 -10.29 44.09
CA ALA B 243 28.12 -8.92 44.59
C ALA B 243 27.06 -8.01 43.90
N LEU B 244 27.01 -8.10 42.57
CA LEU B 244 26.03 -7.34 41.77
C LEU B 244 24.59 -7.81 41.92
N GLY B 245 24.42 -8.93 42.65
CA GLY B 245 23.11 -9.53 42.98
C GLY B 245 22.41 -10.13 41.79
N LEU B 246 23.18 -10.64 40.84
CA LEU B 246 22.64 -11.18 39.60
C LEU B 246 22.26 -12.67 39.74
N PRO B 247 21.43 -13.20 38.81
CA PRO B 247 21.32 -14.66 38.87
C PRO B 247 22.67 -15.22 38.40
N PRO B 248 23.27 -16.19 39.12
CA PRO B 248 24.59 -16.72 38.76
C PRO B 248 24.54 -17.38 37.40
N ARG B 249 23.31 -17.65 36.95
CA ARG B 249 23.02 -18.38 35.72
C ARG B 249 22.53 -17.42 34.64
N VAL B 250 22.91 -16.16 34.79
CA VAL B 250 22.47 -15.11 33.91
C VAL B 250 23.23 -15.14 32.56
N ARG B 251 22.54 -14.89 31.44
CA ARG B 251 23.24 -14.81 30.16
C ARG B 251 23.59 -13.36 29.75
N ALA B 252 24.64 -13.21 28.92
CA ALA B 252 25.12 -11.93 28.41
C ALA B 252 23.97 -11.05 27.90
N GLU B 253 23.05 -11.64 27.09
CA GLU B 253 21.89 -10.92 26.52
C GLU B 253 20.87 -10.40 27.54
N GLU B 254 21.05 -10.78 28.79
CA GLU B 254 20.19 -10.26 29.83
C GLU B 254 20.68 -8.98 30.50
N LEU B 255 21.88 -8.52 30.19
CA LEU B 255 22.48 -7.36 30.92
C LEU B 255 22.43 -6.12 30.04
N ASP B 256 21.98 -5.00 30.59
CA ASP B 256 21.98 -3.77 29.84
C ASP B 256 23.39 -3.12 29.96
N LEU B 257 23.55 -1.92 29.40
CA LEU B 257 24.84 -1.22 29.47
C LEU B 257 25.32 -0.90 30.91
N GLU B 258 24.40 -0.43 31.74
CA GLU B 258 24.61 -0.14 33.16
C GLU B 258 25.07 -1.37 33.88
N ALA B 259 24.41 -2.51 33.65
CA ALA B 259 24.88 -3.78 34.24
C ALA B 259 26.27 -4.25 33.77
N PHE B 260 26.61 -4.16 32.49
CA PHE B 260 28.01 -4.40 32.08
C PHE B 260 29.03 -3.44 32.71
N ARG B 261 28.71 -2.15 32.74
CA ARG B 261 29.62 -1.20 33.41
C ARG B 261 29.91 -1.56 34.88
N ARG B 262 28.88 -1.95 35.60
CA ARG B 262 28.97 -2.32 37.01
C ARG B 262 29.73 -3.64 37.20
N LEU B 263 29.64 -4.49 36.19
CA LEU B 263 30.40 -5.75 36.16
C LEU B 263 31.84 -5.48 35.87
N ARG B 264 32.12 -4.59 34.92
N ARG B 264 32.14 -4.61 34.90
CA ARG B 264 33.47 -4.14 34.63
CA ARG B 264 33.53 -4.18 34.66
C ARG B 264 34.22 -3.54 35.85
C ARG B 264 34.18 -3.70 35.97
N GLU B 265 33.50 -2.82 36.68
CA GLU B 265 33.97 -2.27 37.97
C GLU B 265 34.19 -3.33 39.08
N GLY B 266 33.22 -4.22 39.23
CA GLY B 266 33.30 -5.24 40.27
C GLY B 266 34.31 -6.35 40.02
N LEU B 267 34.77 -6.48 38.78
CA LEU B 267 35.92 -7.36 38.51
C LEU B 267 37.20 -6.67 37.97
N GLU B 268 37.39 -5.39 38.26
CA GLU B 268 38.66 -4.74 37.96
C GLU B 268 39.45 -4.44 39.22
N GLN C 8 -27.11 26.21 -31.19
CA GLN C 8 -27.63 27.37 -31.97
C GLN C 8 -28.98 27.04 -32.56
N SER C 9 -29.06 25.89 -33.25
CA SER C 9 -30.32 25.41 -33.83
C SER C 9 -31.23 24.96 -32.69
N VAL C 10 -30.57 24.55 -31.59
CA VAL C 10 -31.12 24.41 -30.22
C VAL C 10 -32.01 25.59 -29.81
N ARG C 11 -31.62 26.80 -30.20
CA ARG C 11 -32.45 28.00 -30.14
C ARG C 11 -33.66 27.92 -31.07
N ALA C 12 -33.43 27.56 -32.33
CA ALA C 12 -34.51 27.38 -33.31
C ALA C 12 -35.54 26.32 -32.90
N LEU C 13 -35.08 25.26 -32.20
CA LEU C 13 -35.94 24.16 -31.74
C LEU C 13 -36.90 24.59 -30.64
N LEU C 14 -36.34 25.21 -29.59
CA LEU C 14 -37.11 25.74 -28.48
C LEU C 14 -37.95 26.90 -28.96
N GLU C 15 -37.53 27.52 -30.05
CA GLU C 15 -38.27 28.62 -30.65
C GLU C 15 -39.49 28.12 -31.40
N ARG C 16 -39.34 27.02 -32.17
CA ARG C 16 -40.49 26.41 -32.86
C ARG C 16 -41.62 26.07 -31.88
N HIS C 17 -41.23 25.62 -30.68
CA HIS C 17 -42.17 25.03 -29.71
C HIS C 17 -42.70 25.99 -28.64
N GLY C 18 -41.89 26.96 -28.21
CA GLY C 18 -42.27 27.89 -27.13
C GLY C 18 -41.17 28.14 -26.11
N ASN C 28 -29.27 23.18 -17.71
CA ASN C 28 -30.36 22.94 -18.63
C ASN C 28 -30.10 21.80 -19.58
N PHE C 29 -29.40 22.07 -20.70
CA PHE C 29 -29.22 21.06 -21.78
C PHE C 29 -27.79 20.79 -22.16
N LEU C 30 -27.47 19.51 -22.20
CA LEU C 30 -26.20 19.00 -22.64
C LEU C 30 -26.29 18.90 -24.14
N VAL C 31 -25.46 19.63 -24.88
CA VAL C 31 -25.40 19.44 -26.37
C VAL C 31 -24.08 18.82 -26.84
N SER C 32 -22.96 19.35 -26.29
CA SER C 32 -21.60 18.84 -26.49
C SER C 32 -21.60 17.33 -26.76
N GLU C 33 -21.54 17.00 -28.05
CA GLU C 33 -21.66 15.67 -28.62
C GLU C 33 -20.41 14.82 -28.41
N ALA C 34 -19.26 15.47 -28.26
CA ALA C 34 -18.05 14.77 -27.88
C ALA C 34 -18.32 14.09 -26.53
N HIS C 35 -19.16 14.77 -25.75
CA HIS C 35 -19.45 14.39 -24.39
C HIS C 35 -20.55 13.35 -24.30
N LEU C 36 -21.51 13.37 -25.22
CA LEU C 36 -22.55 12.31 -25.20
C LEU C 36 -21.92 10.92 -25.31
N ARG C 37 -20.96 10.83 -26.23
CA ARG C 37 -20.36 9.56 -26.65
C ARG C 37 -19.55 8.96 -25.55
N ARG C 38 -18.79 9.80 -24.82
N ARG C 38 -18.85 9.81 -24.80
CA ARG C 38 -18.00 9.34 -23.67
CA ARG C 38 -17.99 9.37 -23.69
C ARG C 38 -18.93 8.89 -22.54
C ARG C 38 -18.85 8.99 -22.46
N ILE C 39 -20.01 9.66 -22.32
CA ILE C 39 -21.00 9.31 -21.28
C ILE C 39 -21.70 7.99 -21.55
N VAL C 40 -22.15 7.78 -22.80
CA VAL C 40 -22.77 6.54 -23.13
C VAL C 40 -21.76 5.42 -23.06
N GLU C 41 -20.55 5.63 -23.56
CA GLU C 41 -19.52 4.60 -23.36
C GLU C 41 -19.38 4.20 -21.89
N ALA C 42 -19.30 5.19 -20.97
CA ALA C 42 -19.18 4.95 -19.49
C ALA C 42 -20.35 4.15 -18.89
N ALA C 43 -21.50 4.23 -19.54
CA ALA C 43 -22.70 3.49 -19.12
C ALA C 43 -22.79 1.97 -19.50
N ARG C 44 -21.98 1.57 -20.50
CA ARG C 44 -22.05 0.23 -21.01
C ARG C 44 -21.30 -0.76 -20.09
N PRO C 45 -21.72 -2.06 -20.10
CA PRO C 45 -22.78 -2.69 -20.95
C PRO C 45 -24.18 -2.43 -20.43
N PHE C 46 -25.11 -2.15 -21.35
CA PHE C 46 -26.52 -1.88 -20.99
C PHE C 46 -27.20 -3.22 -20.69
N THR C 47 -26.97 -3.70 -19.47
CA THR C 47 -27.37 -5.05 -19.13
C THR C 47 -28.68 -5.02 -18.36
N GLY C 48 -29.12 -3.83 -17.97
CA GLY C 48 -30.47 -3.63 -17.40
C GLY C 48 -31.15 -2.52 -18.22
N PRO C 49 -32.42 -2.20 -17.93
CA PRO C 49 -33.01 -1.01 -18.60
C PRO C 49 -32.41 0.28 -17.93
N VAL C 50 -32.43 1.42 -18.62
CA VAL C 50 -31.80 2.63 -18.20
C VAL C 50 -32.85 3.65 -17.87
N PHE C 51 -32.63 4.35 -16.74
CA PHE C 51 -33.47 5.45 -16.34
C PHE C 51 -32.68 6.76 -16.47
N GLU C 52 -33.26 7.72 -17.17
CA GLU C 52 -32.62 9.00 -17.30
C GLU C 52 -33.53 10.03 -16.66
N VAL C 53 -32.96 10.86 -15.75
CA VAL C 53 -33.62 12.07 -15.18
C VAL C 53 -33.18 13.34 -16.00
N GLY C 54 -34.16 14.21 -16.32
CA GLY C 54 -34.00 15.47 -17.07
C GLY C 54 -33.43 15.22 -18.46
N PRO C 55 -34.20 14.54 -19.32
CA PRO C 55 -33.72 14.29 -20.71
C PRO C 55 -33.57 15.60 -21.47
N GLY C 56 -34.36 16.60 -21.06
CA GLY C 56 -34.23 17.91 -21.65
C GLY C 56 -34.75 17.87 -23.05
N LEU C 57 -33.95 18.25 -24.02
CA LEU C 57 -34.36 18.15 -25.45
C LEU C 57 -34.26 16.71 -25.95
N GLY C 58 -33.61 15.86 -25.13
CA GLY C 58 -33.54 14.40 -25.38
C GLY C 58 -32.21 14.01 -25.99
N ALA C 59 -31.19 14.87 -25.95
CA ALA C 59 -29.96 14.56 -26.70
C ALA C 59 -29.21 13.34 -26.13
N LEU C 60 -29.06 13.27 -24.82
CA LEU C 60 -28.45 12.07 -24.22
C LEU C 60 -29.34 10.86 -24.47
N THR C 61 -30.63 11.05 -24.24
CA THR C 61 -31.64 10.01 -24.54
C THR C 61 -31.41 9.32 -25.91
N ARG C 62 -31.14 10.14 -26.91
CA ARG C 62 -31.09 9.68 -28.33
C ARG C 62 -29.88 8.82 -28.53
N ALA C 63 -28.75 9.35 -28.10
CA ALA C 63 -27.45 8.68 -28.05
C ALA C 63 -27.59 7.31 -27.41
N LEU C 64 -28.23 7.28 -26.22
CA LEU C 64 -28.54 6.04 -25.46
C LEU C 64 -29.33 5.03 -26.27
N LEU C 65 -30.50 5.45 -26.74
CA LEU C 65 -31.36 4.55 -27.50
C LEU C 65 -30.68 3.96 -28.76
N GLU C 66 -29.98 4.86 -29.46
CA GLU C 66 -29.23 4.47 -30.64
C GLU C 66 -28.04 3.55 -30.30
N ALA C 67 -27.51 3.67 -29.07
CA ALA C 67 -26.50 2.72 -28.57
C ALA C 67 -27.12 1.41 -28.11
N GLY C 68 -28.44 1.31 -28.15
CA GLY C 68 -29.07 0.03 -27.86
C GLY C 68 -29.74 -0.09 -26.49
N ALA C 69 -29.72 0.99 -25.67
CA ALA C 69 -30.35 1.01 -24.35
C ALA C 69 -31.92 1.07 -24.44
N GLU C 70 -32.62 0.41 -23.50
CA GLU C 70 -34.07 0.61 -23.37
C GLU C 70 -34.30 1.68 -22.28
N VAL C 71 -34.86 2.84 -22.63
CA VAL C 71 -34.77 4.04 -21.75
C VAL C 71 -36.09 4.56 -21.24
N THR C 72 -36.14 4.79 -19.93
CA THR C 72 -37.29 5.46 -19.31
C THR C 72 -36.79 6.81 -18.89
N ALA C 73 -37.34 7.85 -19.55
CA ALA C 73 -36.86 9.24 -19.40
C ALA C 73 -37.82 10.08 -18.62
N ILE C 74 -37.38 10.57 -17.45
CA ILE C 74 -38.28 11.18 -16.44
C ILE C 74 -37.99 12.72 -16.40
N GLU C 75 -38.98 13.47 -16.92
CA GLU C 75 -38.87 14.87 -17.19
C GLU C 75 -39.99 15.56 -16.47
N LYS C 76 -39.59 16.51 -15.60
CA LYS C 76 -40.47 17.29 -14.72
C LYS C 76 -41.35 18.24 -15.48
N ASP C 77 -40.72 18.90 -16.47
CA ASP C 77 -41.27 19.98 -17.26
C ASP C 77 -42.11 19.41 -18.39
N LEU C 78 -43.44 19.42 -18.19
CA LEU C 78 -44.42 19.03 -19.19
C LEU C 78 -44.29 19.76 -20.52
N ARG C 79 -43.69 20.95 -20.50
CA ARG C 79 -43.58 21.73 -21.77
C ARG C 79 -42.68 21.02 -22.78
N LEU C 80 -41.61 20.39 -22.27
CA LEU C 80 -40.68 19.65 -23.13
C LEU C 80 -41.23 18.41 -23.86
N ARG C 81 -42.47 18.01 -23.59
CA ARG C 81 -43.03 16.78 -24.25
C ARG C 81 -43.03 16.78 -25.80
N PRO C 82 -43.74 17.74 -26.43
CA PRO C 82 -43.61 17.84 -27.88
C PRO C 82 -42.15 18.00 -28.37
N VAL C 83 -41.28 18.74 -27.70
CA VAL C 83 -39.85 18.68 -28.12
C VAL C 83 -39.32 17.23 -28.19
N LEU C 84 -39.54 16.49 -27.11
CA LEU C 84 -38.94 15.15 -26.87
C LEU C 84 -39.53 14.08 -27.82
N GLU C 85 -40.75 14.34 -28.30
CA GLU C 85 -41.39 13.41 -29.22
C GLU C 85 -40.73 13.44 -30.58
N GLU C 86 -40.39 14.65 -31.02
CA GLU C 86 -39.77 14.82 -32.32
C GLU C 86 -38.28 14.64 -32.21
N THR C 87 -37.73 14.56 -31.02
CA THR C 87 -36.31 14.23 -30.96
C THR C 87 -36.15 12.72 -31.03
N LEU C 88 -37.06 12.03 -30.34
N LEU C 88 -37.06 12.03 -30.34
CA LEU C 88 -37.04 10.58 -30.19
CA LEU C 88 -37.03 10.58 -30.19
C LEU C 88 -38.11 9.91 -31.07
C LEU C 88 -38.10 9.90 -31.08
N SER C 89 -38.33 10.49 -32.25
CA SER C 89 -39.26 9.93 -33.27
C SER C 89 -38.55 8.82 -34.00
N GLY C 90 -39.26 7.74 -34.26
CA GLY C 90 -38.62 6.61 -34.93
C GLY C 90 -37.73 5.87 -33.97
N LEU C 91 -37.64 6.38 -32.73
CA LEU C 91 -36.95 5.64 -31.64
C LEU C 91 -37.94 5.36 -30.50
N PRO C 92 -38.06 4.10 -30.09
CA PRO C 92 -39.11 3.82 -29.14
C PRO C 92 -38.57 4.02 -27.76
N VAL C 93 -39.28 4.80 -26.96
CA VAL C 93 -38.80 5.25 -25.65
C VAL C 93 -39.99 5.44 -24.71
N ARG C 94 -39.75 5.18 -23.42
CA ARG C 94 -40.72 5.47 -22.35
C ARG C 94 -40.53 6.90 -21.69
N LEU C 95 -41.47 7.82 -21.96
CA LEU C 95 -41.46 9.16 -21.40
C LEU C 95 -42.37 9.29 -20.22
N VAL C 96 -41.83 9.75 -19.08
CA VAL C 96 -42.60 9.97 -17.83
C VAL C 96 -42.44 11.45 -17.41
N PHE C 97 -43.57 12.08 -17.09
CA PHE C 97 -43.65 13.42 -16.61
C PHE C 97 -43.90 13.46 -15.11
N GLN C 98 -42.80 13.61 -14.37
CA GLN C 98 -42.82 13.50 -12.92
C GLN C 98 -41.58 14.22 -12.38
N ASP C 99 -41.68 14.72 -11.14
CA ASP C 99 -40.53 15.25 -10.42
C ASP C 99 -39.61 14.04 -10.06
N ALA C 100 -38.33 14.19 -10.35
CA ALA C 100 -37.34 13.10 -10.10
C ALA C 100 -37.42 12.48 -8.69
N LEU C 101 -37.63 13.32 -7.66
CA LEU C 101 -37.65 12.85 -6.24
C LEU C 101 -38.94 12.14 -5.82
N LEU C 102 -39.96 12.32 -6.64
CA LEU C 102 -41.25 11.66 -6.44
C LEU C 102 -41.44 10.45 -7.33
N TYR C 103 -40.51 10.19 -8.25
CA TYR C 103 -40.63 8.94 -9.02
C TYR C 103 -40.44 7.73 -8.09
N PRO C 104 -41.19 6.64 -8.32
CA PRO C 104 -41.02 5.41 -7.56
C PRO C 104 -39.71 4.61 -7.76
N TRP C 105 -38.60 5.19 -7.41
CA TRP C 105 -37.32 4.47 -7.53
C TRP C 105 -37.18 3.06 -6.93
N GLU C 106 -37.79 2.80 -5.79
CA GLU C 106 -37.74 1.45 -5.27
C GLU C 106 -38.56 0.36 -6.02
N GLU C 107 -39.31 0.73 -7.05
CA GLU C 107 -39.97 -0.24 -7.92
C GLU C 107 -39.27 -0.52 -9.28
N VAL C 108 -38.13 0.10 -9.56
CA VAL C 108 -37.47 -0.16 -10.87
C VAL C 108 -37.01 -1.65 -10.94
N PRO C 109 -36.85 -2.26 -12.15
CA PRO C 109 -36.29 -3.59 -12.20
C PRO C 109 -34.93 -3.66 -11.54
N GLN C 110 -34.71 -4.65 -10.71
CA GLN C 110 -33.43 -4.77 -10.07
C GLN C 110 -32.36 -5.08 -11.16
N GLY C 111 -31.18 -4.43 -11.05
CA GLY C 111 -30.13 -4.43 -12.07
C GLY C 111 -30.28 -3.28 -13.05
N SER C 112 -31.22 -2.39 -12.76
CA SER C 112 -31.41 -1.19 -13.55
C SER C 112 -30.16 -0.29 -13.50
N LEU C 113 -30.09 0.64 -14.46
CA LEU C 113 -29.00 1.67 -14.53
C LEU C 113 -29.57 3.08 -14.58
N LEU C 114 -28.77 4.03 -14.09
CA LEU C 114 -29.22 5.42 -14.10
C LEU C 114 -28.19 6.10 -14.97
N VAL C 115 -28.61 6.87 -15.98
CA VAL C 115 -27.65 7.60 -16.80
C VAL C 115 -28.30 8.94 -17.09
N ALA C 116 -27.70 10.02 -16.58
CA ALA C 116 -28.46 11.25 -16.37
C ALA C 116 -27.57 12.47 -16.21
N ASN C 117 -28.02 13.59 -16.79
CA ASN C 117 -27.60 14.95 -16.46
C ASN C 117 -28.38 15.47 -15.25
N LEU C 118 -27.78 15.41 -14.05
CA LEU C 118 -28.58 15.74 -12.88
C LEU C 118 -28.61 17.26 -12.65
N PRO C 119 -29.82 17.84 -12.49
CA PRO C 119 -29.90 19.23 -12.07
C PRO C 119 -29.31 19.37 -10.67
N TYR C 120 -28.57 20.47 -10.47
CA TYR C 120 -27.85 20.76 -9.18
C TYR C 120 -28.65 20.49 -7.89
N HIS C 121 -29.88 20.95 -7.84
CA HIS C 121 -30.63 20.95 -6.56
C HIS C 121 -31.16 19.56 -6.09
N ILE C 122 -31.50 18.67 -7.03
CA ILE C 122 -31.96 17.32 -6.70
C ILE C 122 -31.03 16.45 -7.45
N ALA C 123 -29.89 16.12 -6.81
CA ALA C 123 -28.84 15.31 -7.39
C ALA C 123 -28.21 14.58 -6.26
N THR C 124 -27.82 15.28 -5.17
CA THR C 124 -27.30 14.58 -3.99
C THR C 124 -28.45 13.70 -3.34
N PRO C 125 -29.64 14.33 -3.10
CA PRO C 125 -30.79 13.51 -2.63
C PRO C 125 -31.08 12.29 -3.49
N LEU C 126 -31.00 12.42 -4.80
CA LEU C 126 -31.44 11.33 -5.69
C LEU C 126 -30.41 10.22 -5.63
N VAL C 127 -29.14 10.60 -5.54
CA VAL C 127 -28.09 9.56 -5.58
C VAL C 127 -28.09 8.79 -4.31
N THR C 128 -28.24 9.49 -3.18
CA THR C 128 -28.31 8.83 -1.88
C THR C 128 -29.52 7.86 -1.94
N ARG C 129 -30.59 8.32 -2.60
N ARG C 129 -30.59 8.29 -2.57
CA ARG C 129 -31.88 7.60 -2.68
CA ARG C 129 -31.77 7.45 -2.58
C ARG C 129 -31.70 6.33 -3.54
C ARG C 129 -31.46 6.23 -3.42
N LEU C 130 -30.98 6.44 -4.66
CA LEU C 130 -30.66 5.32 -5.52
C LEU C 130 -29.69 4.35 -4.86
N LEU C 131 -28.64 4.86 -4.27
CA LEU C 131 -27.71 3.94 -3.56
C LEU C 131 -28.39 3.12 -2.48
N LYS C 132 -29.34 3.74 -1.76
CA LYS C 132 -29.98 3.08 -0.63
C LYS C 132 -30.97 1.96 -1.07
N THR C 133 -31.58 2.09 -2.24
CA THR C 133 -32.40 0.98 -2.79
C THR C 133 -31.61 -0.35 -2.97
N GLY C 134 -30.30 -0.26 -3.13
CA GLY C 134 -29.50 -1.42 -3.57
C GLY C 134 -29.93 -2.06 -4.88
N ARG C 135 -30.65 -1.34 -5.76
CA ARG C 135 -31.27 -1.98 -6.93
C ARG C 135 -30.53 -1.78 -8.22
N PHE C 136 -29.58 -0.86 -8.25
CA PHE C 136 -28.97 -0.46 -9.52
C PHE C 136 -27.73 -1.27 -9.74
N ALA C 137 -27.44 -1.54 -11.01
CA ALA C 137 -26.12 -2.11 -11.38
C ALA C 137 -25.02 -1.03 -11.64
N ARG C 138 -25.43 0.14 -12.16
CA ARG C 138 -24.47 1.16 -12.49
C ARG C 138 -25.19 2.49 -12.36
N LEU C 139 -24.47 3.55 -11.86
CA LEU C 139 -24.96 4.95 -11.92
C LEU C 139 -23.95 5.86 -12.54
N VAL C 140 -24.38 6.54 -13.61
CA VAL C 140 -23.50 7.32 -14.43
C VAL C 140 -24.22 8.62 -14.57
N PHE C 141 -23.64 9.70 -14.01
CA PHE C 141 -24.36 10.99 -13.99
C PHE C 141 -23.38 12.14 -14.05
N LEU C 142 -23.89 13.22 -14.68
CA LEU C 142 -23.28 14.49 -14.53
C LEU C 142 -23.73 15.25 -13.28
N VAL C 143 -22.74 15.77 -12.49
CA VAL C 143 -22.98 16.71 -11.40
C VAL C 143 -22.02 17.87 -11.52
N GLN C 144 -22.25 18.97 -10.79
CA GLN C 144 -21.23 20.00 -10.53
C GLN C 144 -19.96 19.40 -9.88
N LYS C 145 -18.79 19.94 -10.25
CA LYS C 145 -17.53 19.31 -9.86
C LYS C 145 -17.34 19.17 -8.35
N GLU C 146 -17.75 20.21 -7.61
CA GLU C 146 -17.74 20.24 -6.13
C GLU C 146 -18.45 19.00 -5.52
N VAL C 147 -19.60 18.68 -6.10
CA VAL C 147 -20.45 17.49 -5.72
C VAL C 147 -19.75 16.17 -6.02
N ALA C 148 -19.20 16.08 -7.23
CA ALA C 148 -18.39 14.92 -7.64
C ALA C 148 -17.13 14.66 -6.72
N GLU C 149 -16.51 15.76 -6.25
CA GLU C 149 -15.34 15.70 -5.36
C GLU C 149 -15.72 15.16 -4.00
N ARG C 150 -16.84 15.66 -3.50
CA ARG C 150 -17.38 15.14 -2.25
C ARG C 150 -17.69 13.62 -2.29
N MET C 151 -18.24 13.19 -3.42
CA MET C 151 -18.55 11.75 -3.64
C MET C 151 -17.37 10.83 -3.79
N THR C 152 -16.23 11.43 -4.09
CA THR C 152 -15.01 10.65 -4.37
C THR C 152 -13.79 11.09 -3.53
N ALA C 153 -14.02 11.89 -2.51
CA ALA C 153 -12.94 12.50 -1.74
C ALA C 153 -12.12 11.43 -0.98
N ARG C 154 -10.85 11.73 -0.75
CA ARG C 154 -10.03 10.90 0.12
C ARG C 154 -10.11 11.47 1.52
N PRO C 155 -9.89 10.64 2.56
CA PRO C 155 -9.80 11.19 3.90
C PRO C 155 -8.87 12.41 4.05
N LYS C 156 -9.18 13.29 5.01
CA LYS C 156 -8.37 14.48 5.37
C LYS C 156 -8.26 15.40 4.18
N THR C 157 -9.36 15.57 3.43
CA THR C 157 -9.40 16.62 2.40
C THR C 157 -10.69 17.43 2.63
N PRO C 158 -10.86 18.58 1.97
CA PRO C 158 -12.01 19.32 2.54
C PRO C 158 -13.37 18.85 2.02
N ALA C 159 -13.39 18.07 0.93
CA ALA C 159 -14.68 17.46 0.42
C ALA C 159 -15.14 16.16 1.12
N TYR C 160 -14.25 15.58 1.93
CA TYR C 160 -14.55 14.33 2.66
C TYR C 160 -15.55 14.60 3.75
N GLY C 161 -16.68 13.89 3.74
CA GLY C 161 -17.63 13.94 4.85
C GLY C 161 -18.55 12.75 4.78
N VAL C 162 -19.75 12.91 5.31
CA VAL C 162 -20.78 11.92 5.25
C VAL C 162 -21.07 11.43 3.87
N LEU C 163 -21.26 12.35 2.94
CA LEU C 163 -21.67 11.86 1.63
C LEU C 163 -20.58 10.97 1.04
N THR C 164 -19.33 11.32 1.21
CA THR C 164 -18.25 10.46 0.73
C THR C 164 -18.44 9.03 1.30
N LEU C 165 -18.72 8.95 2.60
CA LEU C 165 -18.72 7.65 3.27
C LEU C 165 -19.96 6.91 2.83
N ARG C 166 -21.03 7.66 2.61
CA ARG C 166 -22.29 7.03 2.22
C ARG C 166 -22.07 6.34 0.88
N VAL C 167 -21.43 7.06 -0.03
CA VAL C 167 -21.15 6.53 -1.42
C VAL C 167 -20.25 5.28 -1.26
N ALA C 168 -19.11 5.43 -0.60
CA ALA C 168 -18.13 4.34 -0.43
C ALA C 168 -18.76 3.06 0.21
N HIS C 169 -19.73 3.25 1.07
CA HIS C 169 -20.41 2.13 1.61
C HIS C 169 -21.13 1.31 0.55
N HIS C 170 -21.72 1.96 -0.44
CA HIS C 170 -22.59 1.26 -1.30
C HIS C 170 -21.95 0.97 -2.61
N ALA C 171 -20.87 1.66 -2.95
CA ALA C 171 -20.52 1.56 -4.35
C ALA C 171 -19.04 1.79 -4.53
N VAL C 172 -18.54 1.27 -5.64
CA VAL C 172 -17.24 1.72 -6.15
C VAL C 172 -17.35 3.06 -6.95
N ALA C 173 -16.61 4.09 -6.51
CA ALA C 173 -16.80 5.48 -6.94
C ALA C 173 -15.68 5.98 -7.82
N GLU C 174 -15.98 6.49 -9.04
CA GLU C 174 -15.04 7.06 -9.94
C GLU C 174 -15.51 8.39 -10.50
N ARG C 175 -14.59 9.34 -10.53
CA ARG C 175 -14.81 10.63 -11.23
C ARG C 175 -14.09 10.46 -12.54
N LEU C 176 -14.84 10.32 -13.64
CA LEU C 176 -14.24 9.85 -14.89
C LEU C 176 -13.60 10.96 -15.75
N PHE C 177 -14.24 12.11 -15.79
CA PHE C 177 -13.71 13.26 -16.54
C PHE C 177 -14.50 14.49 -16.14
N ASP C 178 -13.95 15.66 -16.41
CA ASP C 178 -14.69 16.90 -16.12
C ASP C 178 -15.23 17.39 -17.47
N LEU C 179 -16.26 18.23 -17.42
CA LEU C 179 -16.79 18.91 -18.59
C LEU C 179 -16.79 20.46 -18.35
N PRO C 180 -16.36 21.25 -19.38
CA PRO C 180 -16.47 22.68 -19.10
C PRO C 180 -17.96 23.08 -19.09
N PRO C 181 -18.23 24.28 -18.56
CA PRO C 181 -19.57 24.91 -18.64
C PRO C 181 -20.03 25.13 -20.08
N GLY C 182 -19.04 25.29 -20.96
CA GLY C 182 -19.25 25.37 -22.38
C GLY C 182 -20.00 24.15 -22.87
N ALA C 183 -19.93 23.07 -22.09
CA ALA C 183 -20.55 21.77 -22.46
C ALA C 183 -22.10 21.76 -22.46
N PHE C 184 -22.70 22.75 -21.81
CA PHE C 184 -24.15 22.81 -21.64
C PHE C 184 -24.64 24.13 -22.16
N PHE C 185 -25.82 24.10 -22.81
CA PHE C 185 -26.68 25.27 -23.09
C PHE C 185 -27.92 25.27 -22.15
N PRO C 186 -28.11 26.36 -21.36
CA PRO C 186 -27.18 27.45 -21.31
C PRO C 186 -26.14 27.28 -20.14
N PRO C 187 -24.98 27.93 -20.28
CA PRO C 187 -23.79 27.58 -19.50
C PRO C 187 -23.91 27.70 -17.97
N PRO C 188 -23.66 26.60 -17.22
CA PRO C 188 -23.51 26.81 -15.77
C PRO C 188 -22.27 27.70 -15.51
N LYS C 189 -22.11 28.12 -14.27
CA LYS C 189 -21.02 29.01 -13.90
C LYS C 189 -19.94 28.08 -13.36
N VAL C 190 -20.21 26.78 -13.54
CA VAL C 190 -19.42 25.76 -12.82
C VAL C 190 -19.02 24.65 -13.80
N TRP C 191 -17.87 24.08 -13.55
CA TRP C 191 -17.50 22.89 -14.26
C TRP C 191 -18.31 21.67 -13.72
N SER C 192 -18.62 20.76 -14.64
CA SER C 192 -19.21 19.45 -14.27
C SER C 192 -18.16 18.35 -14.28
N SER C 193 -18.55 17.18 -13.76
CA SER C 193 -17.76 15.97 -13.82
C SER C 193 -18.73 14.82 -14.05
N LEU C 194 -18.30 13.85 -14.87
CA LEU C 194 -19.04 12.62 -15.05
C LEU C 194 -18.54 11.64 -13.96
N VAL C 195 -19.50 11.15 -13.18
CA VAL C 195 -19.18 10.21 -12.11
C VAL C 195 -19.80 8.87 -12.55
N ARG C 196 -19.25 7.75 -12.05
CA ARG C 196 -19.85 6.44 -12.24
C ARG C 196 -19.68 5.84 -10.88
N LEU C 197 -20.80 5.42 -10.31
CA LEU C 197 -20.79 4.67 -9.09
C LEU C 197 -21.27 3.25 -9.49
N THR C 198 -20.59 2.22 -8.96
CA THR C 198 -21.01 0.86 -9.23
C THR C 198 -21.35 0.18 -7.94
N PRO C 199 -22.65 0.03 -7.66
CA PRO C 199 -23.10 -0.67 -6.51
C PRO C 199 -22.47 -2.06 -6.29
N THR C 200 -22.02 -2.29 -5.07
CA THR C 200 -21.42 -3.60 -4.71
C THR C 200 -22.54 -4.65 -4.40
N GLY C 201 -23.80 -4.17 -4.33
CA GLY C 201 -24.93 -4.96 -3.79
C GLY C 201 -25.13 -4.66 -2.30
N ALA C 202 -24.30 -3.81 -1.75
CA ALA C 202 -24.36 -3.52 -0.31
C ALA C 202 -25.57 -2.62 -0.09
N LEU C 203 -26.46 -3.07 0.82
CA LEU C 203 -27.67 -2.27 1.20
C LEU C 203 -27.30 -1.38 2.41
N ASP C 204 -28.28 -0.63 2.97
CA ASP C 204 -27.95 0.41 3.98
C ASP C 204 -27.44 -0.20 5.26
N ASP C 205 -26.65 0.55 6.03
CA ASP C 205 -26.17 0.08 7.36
C ASP C 205 -26.57 1.18 8.34
N PRO C 206 -27.87 1.19 8.77
CA PRO C 206 -28.37 2.37 9.51
C PRO C 206 -27.53 2.71 10.70
N GLY C 207 -27.21 1.74 11.54
CA GLY C 207 -26.40 2.02 12.75
C GLY C 207 -25.01 2.58 12.43
N LEU C 208 -24.39 2.14 11.31
CA LEU C 208 -23.06 2.67 10.95
C LEU C 208 -23.24 4.14 10.61
N PHE C 209 -24.21 4.43 9.76
CA PHE C 209 -24.43 5.84 9.40
C PHE C 209 -25.03 6.81 10.51
N ARG C 210 -25.59 6.28 11.59
CA ARG C 210 -25.93 7.08 12.79
C ARG C 210 -24.64 7.49 13.51
N LEU C 211 -23.63 6.62 13.57
CA LEU C 211 -22.30 7.00 14.04
C LEU C 211 -21.60 8.01 13.10
N VAL C 212 -21.62 7.71 11.81
N VAL C 212 -21.59 7.72 11.81
CA VAL C 212 -21.02 8.58 10.80
CA VAL C 212 -20.93 8.68 10.95
C VAL C 212 -21.63 9.98 10.85
C VAL C 212 -21.60 10.03 11.06
N GLU C 213 -22.94 10.05 11.01
CA GLU C 213 -23.62 11.39 10.99
C GLU C 213 -23.29 12.14 12.27
N ALA C 214 -23.31 11.44 13.41
CA ALA C 214 -22.89 12.02 14.73
C ALA C 214 -21.46 12.55 14.65
N ALA C 215 -20.53 11.71 14.16
CA ALA C 215 -19.10 12.11 14.03
C ALA C 215 -18.83 13.36 13.25
N PHE C 216 -19.56 13.62 12.18
CA PHE C 216 -19.36 14.87 11.39
C PHE C 216 -20.42 15.89 11.71
N GLY C 217 -21.23 15.62 12.75
CA GLY C 217 -22.27 16.58 13.23
C GLY C 217 -21.73 17.95 13.67
N LYS C 218 -20.54 17.96 14.27
CA LYS C 218 -19.89 19.23 14.66
C LYS C 218 -18.43 19.24 14.13
N ARG C 219 -18.20 19.92 13.01
CA ARG C 219 -16.89 19.96 12.33
C ARG C 219 -15.65 20.53 13.10
N ARG C 220 -15.87 21.28 14.17
CA ARG C 220 -14.78 21.99 14.85
C ARG C 220 -14.16 21.18 15.99
N LYS C 221 -14.51 19.90 16.05
CA LYS C 221 -14.18 19.12 17.24
C LYS C 221 -13.19 18.00 16.91
N THR C 222 -12.47 17.49 17.92
CA THR C 222 -11.80 16.24 17.73
C THR C 222 -12.96 15.25 17.60
N LEU C 223 -12.66 14.04 17.15
CA LEU C 223 -13.69 13.05 17.06
C LEU C 223 -14.16 12.74 18.48
N LEU C 224 -13.20 12.49 19.38
CA LEU C 224 -13.58 12.13 20.77
C LEU C 224 -14.67 13.10 21.26
N ASN C 225 -14.46 14.40 21.04
CA ASN C 225 -15.41 15.45 21.47
C ASN C 225 -16.70 15.64 20.68
N ALA C 226 -16.67 15.42 19.38
CA ALA C 226 -17.89 15.46 18.58
C ALA C 226 -18.83 14.30 18.93
N LEU C 227 -18.27 13.10 19.13
CA LEU C 227 -19.09 12.00 19.60
C LEU C 227 -19.66 12.27 21.01
N ALA C 228 -18.86 12.86 21.89
CA ALA C 228 -19.34 13.15 23.26
C ALA C 228 -20.52 14.14 23.16
N ALA C 229 -20.35 15.20 22.37
CA ALA C 229 -21.39 16.22 22.26
C ALA C 229 -22.50 15.79 21.28
N ALA C 230 -22.85 14.51 21.35
CA ALA C 230 -23.87 13.82 20.52
C ALA C 230 -24.49 12.66 21.32
N GLY C 231 -23.99 12.46 22.55
CA GLY C 231 -24.44 11.37 23.42
C GLY C 231 -23.43 10.30 23.84
N TYR C 232 -22.47 10.02 22.97
CA TYR C 232 -21.53 8.90 23.21
C TYR C 232 -20.72 9.06 24.53
N PRO C 233 -20.70 7.99 25.37
CA PRO C 233 -19.97 8.04 26.61
C PRO C 233 -18.47 8.18 26.32
N LYS C 234 -17.87 9.22 26.89
CA LYS C 234 -16.52 9.66 26.57
C LYS C 234 -15.39 8.64 26.79
N ALA C 235 -15.27 8.12 28.04
CA ALA C 235 -14.19 7.19 28.36
C ALA C 235 -14.32 5.98 27.47
N ARG C 236 -15.56 5.64 27.09
CA ARG C 236 -15.81 4.53 26.11
C ARG C 236 -15.16 4.80 24.72
N VAL C 237 -15.38 6.01 24.19
CA VAL C 237 -14.78 6.44 22.95
C VAL C 237 -13.25 6.53 23.06
N GLU C 238 -12.77 7.10 24.15
CA GLU C 238 -11.34 7.21 24.43
C GLU C 238 -10.72 5.83 24.35
N GLU C 239 -11.31 4.89 25.11
CA GLU C 239 -10.91 3.49 25.05
C GLU C 239 -10.98 2.95 23.60
N ALA C 240 -12.11 3.17 22.93
CA ALA C 240 -12.31 2.72 21.55
C ALA C 240 -11.20 3.16 20.59
N LEU C 241 -10.77 4.42 20.71
CA LEU C 241 -9.75 4.97 19.81
C LEU C 241 -8.36 4.49 20.25
N ARG C 242 -8.15 4.33 21.56
CA ARG C 242 -6.91 3.73 22.11
C ARG C 242 -6.78 2.27 21.65
N ALA C 243 -7.88 1.53 21.62
CA ALA C 243 -7.81 0.11 21.26
C ALA C 243 -7.72 -0.12 19.73
N LEU C 244 -8.14 0.89 18.97
CA LEU C 244 -8.02 0.95 17.50
C LEU C 244 -6.67 1.43 16.95
N GLY C 245 -5.84 1.99 17.84
CA GLY C 245 -4.50 2.48 17.50
C GLY C 245 -4.50 3.89 16.94
N LEU C 246 -5.58 4.62 17.15
CA LEU C 246 -5.76 5.94 16.56
C LEU C 246 -5.15 7.01 17.44
N PRO C 247 -4.74 8.18 16.86
CA PRO C 247 -4.23 9.24 17.77
C PRO C 247 -5.36 9.81 18.69
N PRO C 248 -5.04 10.13 19.98
CA PRO C 248 -6.13 10.53 20.90
C PRO C 248 -6.82 11.82 20.43
N ARG C 249 -6.11 12.57 19.59
CA ARG C 249 -6.53 13.87 19.06
C ARG C 249 -7.20 13.79 17.66
N VAL C 250 -7.19 12.60 17.07
CA VAL C 250 -7.73 12.39 15.70
C VAL C 250 -9.15 12.99 15.43
N ARG C 251 -9.41 13.42 14.18
CA ARG C 251 -10.70 14.00 13.75
C ARG C 251 -11.50 13.09 12.83
N ALA C 252 -12.83 13.28 12.78
CA ALA C 252 -13.72 12.40 11.96
C ALA C 252 -13.17 12.24 10.54
N GLU C 253 -12.54 13.29 9.99
CA GLU C 253 -12.19 13.25 8.49
C GLU C 253 -10.85 12.51 8.28
N GLU C 254 -10.22 12.15 9.40
CA GLU C 254 -9.05 11.30 9.31
C GLU C 254 -9.42 9.77 9.19
N LEU C 255 -10.66 9.41 9.54
CA LEU C 255 -11.13 8.02 9.49
C LEU C 255 -11.74 7.68 8.13
N ASP C 256 -11.32 6.52 7.57
CA ASP C 256 -11.95 5.93 6.36
C ASP C 256 -13.11 5.05 6.80
N LEU C 257 -13.74 4.42 5.83
CA LEU C 257 -14.95 3.65 6.11
C LEU C 257 -14.61 2.48 7.00
N GLU C 258 -13.53 1.79 6.71
CA GLU C 258 -13.09 0.70 7.55
C GLU C 258 -12.89 1.16 9.01
N ALA C 259 -12.22 2.30 9.22
CA ALA C 259 -12.04 2.79 10.57
C ALA C 259 -13.39 3.05 11.19
N PHE C 260 -14.35 3.55 10.39
CA PHE C 260 -15.66 3.75 10.97
C PHE C 260 -16.36 2.47 11.38
N ARG C 261 -16.18 1.42 10.57
CA ARG C 261 -16.85 0.17 10.90
C ARG C 261 -16.18 -0.42 12.15
N ARG C 262 -14.86 -0.22 12.29
CA ARG C 262 -14.12 -0.81 13.40
C ARG C 262 -14.51 -0.04 14.66
N LEU C 263 -14.74 1.25 14.51
CA LEU C 263 -15.21 2.08 15.63
C LEU C 263 -16.64 1.76 16.09
N ARG C 264 -17.59 1.67 15.15
CA ARG C 264 -18.91 1.12 15.44
C ARG C 264 -18.90 -0.25 16.18
N GLU C 265 -18.10 -1.22 15.73
CA GLU C 265 -18.01 -2.47 16.49
C GLU C 265 -17.44 -2.23 17.88
N GLY C 266 -16.41 -1.42 17.98
CA GLY C 266 -15.82 -1.02 19.26
C GLY C 266 -16.67 -0.16 20.17
N LEU C 267 -17.73 0.44 19.62
CA LEU C 267 -18.71 1.22 20.37
C LEU C 267 -20.05 0.52 20.66
N GLU C 268 -20.27 -0.61 20.02
CA GLU C 268 -21.43 -1.44 20.26
C GLU C 268 -21.35 -2.74 19.53
#